data_1Y6G
#
_entry.id   1Y6G
#
_cell.length_a   46.994
_cell.length_b   120.520
_cell.length_c   86.807
_cell.angle_alpha   90.00
_cell.angle_beta   94.68
_cell.angle_gamma   90.00
#
_symmetry.space_group_name_H-M   'P 1 21 1'
#
loop_
_entity.id
_entity.type
_entity.pdbx_description
1 polymer "5'-D(*GP*AP*TP*AP*CP*TP*(5HU)P*AP*GP*AP*TP*AP*G)-3'"
2 polymer "5'-D(*CP*TP*AP*TP*CP*TP*GP*AP*GP*TP*AP*T)-3'"
3 polymer 'DNA alpha-glucosyltransferase'
4 non-polymer 'COBALT HEXAMMINE(III)'
5 non-polymer "URIDINE-5'-DIPHOSPHATE"
6 non-polymer 'CHLORIDE ION'
7 non-polymer 1,2-ETHANEDIOL
8 water water
#
loop_
_entity_poly.entity_id
_entity_poly.type
_entity_poly.pdbx_seq_one_letter_code
_entity_poly.pdbx_strand_id
1 'polydeoxyribonucleotide' (DG)(DA)(DT)(DA)(DC)(DT)(5HU)(DA)(DG)(DA)(DT)(DA)(DG) C
2 'polydeoxyribonucleotide' (DC)(DT)(DA)(DT)(DC)(DT)(DG)(DA)(DG)(DT)(DA)(DT) D
3 'polypeptide(L)'
;MGSMRICIFMARGLEGCGVTKFSLEQRDWFIKNGHEVTLVYAKDKSFTRTSSHDHKSFSIPVILAKEYDKALKLVNDCDI
LIINSVPATSVQEATINNYKKLLDNIKPSIRVVVYQHDHSVLSLRRNLGLEETVRRADVIFSHSDNGDFNKVLMKEWYPE
TVSLFDDIEEAPTVYNFQPPMDIVKVRSTYWKDVSEINMNINRWIGRTTTWKGFYQMFDFHEKFLKPAGKSTVMEGLERS
PAFIAIKEKGIPYEYYGNREIDKMNLAPNQPAQILDCYINSEMLERMSKSGFGYQLSKLNQKYLQRSLEYTHLELGACGT
IPVFWKSTGENLKFRVDNTPLTSHDSGIIWFDENDMESTFERIKELSSDRALYDREREKAYEFLYQHQDSSFCFKEQFDI
ITK
;
A,B
#
# COMPACT_ATOMS: atom_id res chain seq x y z
N MET C 1 2.61 -41.10 17.95
CA MET C 1 2.21 -41.35 19.37
C MET C 1 0.80 -41.90 19.35
N GLY C 2 -0.08 -41.15 18.71
CA GLY C 2 -1.49 -41.51 18.58
C GLY C 2 -2.10 -40.47 17.67
N SER C 3 -3.15 -39.80 18.14
CA SER C 3 -3.80 -38.77 17.34
C SER C 3 -4.25 -37.67 18.26
N MET C 4 -3.71 -36.47 18.04
CA MET C 4 -4.04 -35.32 18.88
C MET C 4 -4.35 -34.08 18.06
N ARG C 5 -4.98 -33.09 18.70
CA ARG C 5 -5.30 -31.84 18.02
C ARG C 5 -4.13 -30.90 18.23
N ILE C 6 -3.70 -30.27 17.14
CA ILE C 6 -2.58 -29.36 17.18
C ILE C 6 -3.06 -27.98 16.79
N CYS C 7 -2.55 -26.98 17.49
CA CYS C 7 -2.91 -25.61 17.19
C CYS C 7 -1.60 -24.82 17.04
N ILE C 8 -1.24 -24.54 15.78
CA ILE C 8 -0.04 -23.80 15.46
C ILE C 8 -0.50 -22.35 15.43
N PHE C 9 -0.02 -21.59 16.40
CA PHE C 9 -0.42 -20.19 16.56
C PHE C 9 0.68 -19.22 16.14
N MET C 10 0.36 -18.33 15.21
CA MET C 10 1.34 -17.34 14.80
C MET C 10 0.86 -16.00 15.32
N ALA C 11 1.36 -15.61 16.49
CA ALA C 11 0.96 -14.37 17.12
C ALA C 11 1.32 -13.07 16.43
N ARG C 12 2.46 -13.02 15.71
CA ARG C 12 2.86 -11.80 15.02
C ARG C 12 2.01 -11.61 13.75
N GLY C 13 1.29 -12.66 13.39
CA GLY C 13 0.46 -12.60 12.19
C GLY C 13 1.23 -13.27 11.08
N LEU C 14 0.62 -13.39 9.92
CA LEU C 14 1.27 -14.03 8.79
C LEU C 14 2.30 -13.13 8.10
N GLU C 15 3.57 -13.52 8.21
CA GLU C 15 4.65 -12.76 7.59
C GLU C 15 5.10 -13.36 6.26
N GLY C 16 4.47 -14.46 5.88
CA GLY C 16 4.81 -15.11 4.62
C GLY C 16 6.24 -15.60 4.44
N CYS C 17 7.12 -15.42 5.42
CA CYS C 17 8.50 -15.91 5.24
C CYS C 17 8.78 -17.31 5.80
N GLY C 18 9.99 -17.50 6.33
CA GLY C 18 10.37 -18.79 6.89
C GLY C 18 9.46 -19.28 7.99
N VAL C 19 9.16 -18.41 8.96
CA VAL C 19 8.28 -18.77 10.06
C VAL C 19 6.90 -19.19 9.52
N THR C 20 6.42 -18.54 8.47
CA THR C 20 5.12 -18.90 7.88
C THR C 20 5.24 -20.21 7.12
N LYS C 21 6.40 -20.42 6.50
CA LYS C 21 6.65 -21.66 5.76
C LYS C 21 6.74 -22.80 6.79
N PHE C 22 7.56 -22.61 7.82
CA PHE C 22 7.73 -23.61 8.88
C PHE C 22 6.41 -24.17 9.37
N SER C 23 5.47 -23.26 9.68
CA SER C 23 4.16 -23.62 10.18
C SER C 23 3.40 -24.47 9.18
N LEU C 24 3.45 -24.08 7.91
CA LEU C 24 2.74 -24.87 6.90
C LEU C 24 3.39 -26.25 6.75
N GLU C 25 4.71 -26.28 6.72
CA GLU C 25 5.44 -27.54 6.64
C GLU C 25 5.09 -28.37 7.86
N GLN C 26 5.02 -27.71 9.00
CA GLN C 26 4.69 -28.39 10.24
C GLN C 26 3.27 -28.94 10.16
N ARG C 27 2.34 -28.13 9.69
CA ARG C 27 0.94 -28.56 9.57
C ARG C 27 0.84 -29.76 8.63
N ASP C 28 1.63 -29.74 7.56
CA ASP C 28 1.60 -30.84 6.61
C ASP C 28 2.11 -32.13 7.21
N TRP C 29 3.13 -32.03 8.06
CA TRP C 29 3.70 -33.23 8.65
C TRP C 29 2.80 -33.82 9.71
N PHE C 30 2.17 -32.97 10.49
CA PHE C 30 1.28 -33.47 11.52
C PHE C 30 0.11 -34.16 10.86
N ILE C 31 -0.53 -33.47 9.93
CA ILE C 31 -1.69 -34.05 9.26
C ILE C 31 -1.28 -35.37 8.66
N LYS C 32 -0.24 -35.34 7.82
CA LYS C 32 0.27 -36.53 7.16
C LYS C 32 0.43 -37.70 8.13
N ASN C 33 0.75 -37.40 9.38
CA ASN C 33 0.89 -38.47 10.37
C ASN C 33 -0.40 -38.62 11.16
N GLY C 34 -1.48 -38.07 10.61
CA GLY C 34 -2.78 -38.17 11.23
C GLY C 34 -2.92 -37.52 12.59
N HIS C 35 -3.02 -36.19 12.57
CA HIS C 35 -3.19 -35.40 13.78
C HIS C 35 -4.04 -34.25 13.32
N GLU C 36 -5.13 -33.98 14.01
CA GLU C 36 -5.98 -32.85 13.61
C GLU C 36 -5.26 -31.53 13.87
N VAL C 37 -5.18 -30.67 12.85
CA VAL C 37 -4.51 -29.39 12.98
C VAL C 37 -5.33 -28.19 12.55
N THR C 38 -5.14 -27.07 13.22
CA THR C 38 -5.83 -25.82 12.87
C THR C 38 -4.78 -24.72 13.03
N LEU C 39 -4.59 -23.91 11.99
CA LEU C 39 -3.58 -22.88 12.00
C LEU C 39 -4.09 -21.49 12.22
N VAL C 40 -4.03 -21.05 13.48
CA VAL C 40 -4.48 -19.72 13.88
C VAL C 40 -3.38 -18.70 13.69
N TYR C 41 -3.75 -17.45 13.39
CA TYR C 41 -2.75 -16.40 13.27
C TYR C 41 -3.37 -15.04 13.59
N ALA C 42 -2.63 -14.22 14.32
CA ALA C 42 -3.09 -12.89 14.72
C ALA C 42 -3.05 -11.87 13.56
N LYS C 43 -4.22 -11.39 13.19
CA LYS C 43 -4.37 -10.43 12.10
C LYS C 43 -4.00 -9.00 12.51
N ASP C 44 -3.71 -8.80 13.79
CA ASP C 44 -3.38 -7.47 14.31
C ASP C 44 -2.30 -6.66 13.58
N LYS C 45 -1.59 -7.31 12.67
CA LYS C 45 -0.56 -6.63 11.89
C LYS C 45 -0.34 -7.34 10.57
N SER C 46 -0.61 -6.65 9.47
CA SER C 46 -0.42 -7.28 8.17
C SER C 46 1.00 -7.04 7.63
N PHE C 47 1.50 -8.03 6.90
CA PHE C 47 2.83 -7.94 6.30
C PHE C 47 2.57 -8.06 4.80
N THR C 48 3.51 -7.58 3.99
CA THR C 48 3.34 -7.63 2.54
C THR C 48 3.32 -9.01 1.89
N ARG C 49 4.29 -9.85 2.26
CA ARG C 49 4.40 -11.19 1.69
C ARG C 49 3.30 -12.19 2.07
N THR C 50 2.09 -11.71 2.36
CA THR C 50 1.01 -12.62 2.76
C THR C 50 0.40 -13.47 1.63
N SER C 51 1.12 -13.54 0.51
CA SER C 51 0.65 -14.31 -0.64
C SER C 51 1.73 -15.31 -1.07
N SER C 52 2.93 -15.14 -0.52
CA SER C 52 4.07 -15.99 -0.83
C SER C 52 3.69 -17.45 -0.78
N HIS C 53 2.94 -17.81 0.25
CA HIS C 53 2.48 -19.18 0.42
C HIS C 53 0.96 -19.22 0.38
N ASP C 54 0.43 -20.35 -0.02
CA ASP C 54 -1.01 -20.49 -0.06
C ASP C 54 -1.44 -20.96 1.32
N HIS C 55 -2.44 -20.30 1.88
CA HIS C 55 -2.92 -20.66 3.21
C HIS C 55 -4.30 -20.09 3.42
N LYS C 56 -4.71 -19.23 2.50
CA LYS C 56 -6.00 -18.55 2.55
C LYS C 56 -7.19 -19.51 2.66
N SER C 57 -6.99 -20.76 2.25
CA SER C 57 -8.06 -21.76 2.28
C SER C 57 -8.19 -22.53 3.60
N PHE C 58 -7.19 -22.44 4.47
CA PHE C 58 -7.27 -23.11 5.77
C PHE C 58 -6.94 -22.22 6.96
N SER C 59 -5.86 -21.45 6.88
CA SER C 59 -5.49 -20.56 7.98
C SER C 59 -6.72 -19.85 8.59
N ILE C 60 -6.66 -19.54 9.88
CA ILE C 60 -7.75 -18.86 10.59
C ILE C 60 -7.24 -17.57 11.23
N PRO C 61 -7.57 -16.40 10.68
CA PRO C 61 -7.08 -15.15 11.30
C PRO C 61 -7.88 -14.73 12.55
N VAL C 62 -7.26 -13.94 13.40
CA VAL C 62 -7.89 -13.48 14.63
C VAL C 62 -7.41 -12.08 15.01
N ILE C 63 -8.32 -11.27 15.55
CA ILE C 63 -7.91 -9.95 15.98
C ILE C 63 -7.80 -10.03 17.50
N LEU C 64 -6.57 -10.28 17.95
CA LEU C 64 -6.28 -10.41 19.36
C LEU C 64 -6.81 -9.25 20.18
N ALA C 65 -6.94 -8.08 19.55
CA ALA C 65 -7.43 -6.90 20.25
C ALA C 65 -8.95 -6.84 20.42
N LYS C 66 -9.71 -7.23 19.40
CA LYS C 66 -11.17 -7.16 19.48
C LYS C 66 -11.91 -8.52 19.47
N GLU C 67 -11.19 -9.59 19.17
CA GLU C 67 -11.81 -10.91 19.15
C GLU C 67 -11.15 -11.92 20.12
N TYR C 68 -10.82 -11.43 21.32
CA TYR C 68 -10.18 -12.24 22.35
C TYR C 68 -10.92 -13.55 22.59
N ASP C 69 -12.22 -13.47 22.80
CA ASP C 69 -13.03 -14.66 23.03
C ASP C 69 -12.71 -15.70 21.96
N LYS C 70 -12.84 -15.27 20.70
CA LYS C 70 -12.59 -16.13 19.55
C LYS C 70 -11.21 -16.75 19.65
N ALA C 71 -10.24 -15.95 20.08
CA ALA C 71 -8.86 -16.44 20.22
C ALA C 71 -8.81 -17.55 21.25
N LEU C 72 -9.15 -17.21 22.49
CA LEU C 72 -9.12 -18.18 23.57
C LEU C 72 -9.88 -19.45 23.24
N LYS C 73 -10.92 -19.35 22.43
CA LYS C 73 -11.69 -20.54 22.06
C LYS C 73 -10.82 -21.41 21.17
N LEU C 74 -9.98 -20.76 20.37
CA LEU C 74 -9.11 -21.43 19.42
C LEU C 74 -7.86 -22.12 19.98
N VAL C 75 -7.19 -21.48 20.93
CA VAL C 75 -6.00 -22.10 21.51
C VAL C 75 -6.34 -23.19 22.50
N ASN C 76 -7.45 -23.05 23.23
CA ASN C 76 -7.84 -24.10 24.17
C ASN C 76 -8.46 -25.29 23.47
N ASP C 77 -8.67 -25.18 22.17
CA ASP C 77 -9.21 -26.32 21.49
C ASP C 77 -8.06 -27.08 20.83
N CYS C 78 -7.39 -27.89 21.62
CA CYS C 78 -6.28 -28.69 21.12
C CYS C 78 -5.57 -29.38 22.26
N ASP C 79 -4.72 -30.34 21.93
CA ASP C 79 -3.96 -31.07 22.91
C ASP C 79 -2.60 -30.43 23.06
N ILE C 80 -2.03 -30.00 21.94
CA ILE C 80 -0.73 -29.37 21.93
C ILE C 80 -0.80 -28.05 21.18
N LEU C 81 -0.51 -26.95 21.89
CA LEU C 81 -0.48 -25.61 21.30
C LEU C 81 0.96 -25.24 20.91
N ILE C 82 1.16 -24.93 19.63
CA ILE C 82 2.49 -24.55 19.14
C ILE C 82 2.50 -23.06 18.77
N ILE C 83 3.34 -22.28 19.44
CA ILE C 83 3.46 -20.84 19.19
C ILE C 83 4.77 -20.55 18.50
N ASN C 84 4.70 -20.10 17.24
CA ASN C 84 5.92 -19.82 16.45
C ASN C 84 6.42 -18.38 16.44
N SER C 85 5.60 -17.45 16.92
CA SER C 85 6.00 -16.05 16.96
C SER C 85 5.14 -15.32 17.97
N VAL C 86 5.45 -14.06 18.23
CA VAL C 86 4.68 -13.31 19.18
C VAL C 86 4.27 -11.97 18.56
N PRO C 87 3.50 -11.14 19.28
CA PRO C 87 3.13 -9.87 18.66
C PRO C 87 4.35 -8.99 18.54
N ALA C 88 4.34 -8.10 17.56
CA ALA C 88 5.45 -7.19 17.35
C ALA C 88 5.40 -6.01 18.36
N THR C 89 6.47 -5.23 18.42
CA THR C 89 6.52 -4.10 19.33
C THR C 89 5.69 -2.93 18.78
N SER C 90 5.40 -2.97 17.49
CA SER C 90 4.63 -1.92 16.85
C SER C 90 3.13 -2.02 17.10
N VAL C 91 2.69 -3.07 17.79
CA VAL C 91 1.27 -3.27 18.05
C VAL C 91 0.68 -2.41 19.17
N GLN C 92 -0.65 -2.32 19.18
CA GLN C 92 -1.41 -1.53 20.16
C GLN C 92 -1.71 -2.30 21.44
N GLU C 93 -1.76 -1.58 22.55
CA GLU C 93 -2.02 -2.17 23.86
C GLU C 93 -3.02 -3.31 23.86
N ALA C 94 -4.20 -3.08 23.33
CA ALA C 94 -5.21 -4.12 23.31
C ALA C 94 -4.74 -5.43 22.70
N THR C 95 -3.65 -5.41 21.93
CA THR C 95 -3.15 -6.64 21.33
C THR C 95 -2.20 -7.34 22.30
N ILE C 96 -1.01 -6.79 22.46
CA ILE C 96 -0.06 -7.38 23.37
C ILE C 96 -0.74 -7.81 24.65
N ASN C 97 -1.67 -6.98 25.13
CA ASN C 97 -2.38 -7.24 26.38
C ASN C 97 -3.27 -8.48 26.29
N ASN C 98 -4.17 -8.50 25.32
CA ASN C 98 -5.03 -9.66 25.16
C ASN C 98 -4.20 -10.92 24.84
N TYR C 99 -3.05 -10.76 24.19
CA TYR C 99 -2.21 -11.92 23.90
C TYR C 99 -1.78 -12.56 25.22
N LYS C 100 -1.45 -11.72 26.19
CA LYS C 100 -1.04 -12.23 27.49
C LYS C 100 -2.21 -12.89 28.21
N LYS C 101 -3.33 -12.20 28.30
CA LYS C 101 -4.50 -12.76 28.95
C LYS C 101 -4.68 -14.18 28.39
N LEU C 102 -4.40 -14.35 27.11
CA LEU C 102 -4.52 -15.66 26.47
C LEU C 102 -3.58 -16.62 27.18
N LEU C 103 -2.30 -16.27 27.19
CA LEU C 103 -1.27 -17.08 27.82
C LEU C 103 -1.64 -17.52 29.22
N ASP C 104 -2.30 -16.64 29.95
CA ASP C 104 -2.71 -16.96 31.31
C ASP C 104 -3.98 -17.76 31.41
N ASN C 105 -4.72 -17.86 30.32
CA ASN C 105 -5.96 -18.59 30.40
C ASN C 105 -5.94 -19.89 29.64
N ILE C 106 -4.75 -20.28 29.18
CA ILE C 106 -4.60 -21.54 28.46
C ILE C 106 -4.68 -22.68 29.47
N LYS C 107 -5.66 -23.57 29.32
CA LYS C 107 -5.77 -24.72 30.21
C LYS C 107 -4.38 -25.22 30.63
N PRO C 108 -4.25 -25.70 31.86
CA PRO C 108 -2.96 -26.21 32.34
C PRO C 108 -2.66 -27.57 31.70
N SER C 109 -3.70 -28.21 31.19
CA SER C 109 -3.57 -29.52 30.57
C SER C 109 -2.97 -29.48 29.15
N ILE C 110 -2.99 -28.33 28.49
CA ILE C 110 -2.44 -28.27 27.14
C ILE C 110 -0.93 -28.12 27.17
N ARG C 111 -0.24 -28.92 26.37
CA ARG C 111 1.20 -28.84 26.29
C ARG C 111 1.56 -27.71 25.33
N VAL C 112 2.22 -26.69 25.85
CA VAL C 112 2.62 -25.53 25.06
C VAL C 112 4.05 -25.65 24.60
N VAL C 113 4.23 -25.79 23.29
CA VAL C 113 5.56 -25.89 22.68
C VAL C 113 5.86 -24.51 22.07
N VAL C 114 7.09 -24.03 22.23
CA VAL C 114 7.44 -22.73 21.69
C VAL C 114 8.65 -22.84 20.81
N TYR C 115 8.55 -22.25 19.63
CA TYR C 115 9.65 -22.26 18.69
C TYR C 115 10.12 -20.85 18.52
N GLN C 116 11.39 -20.62 18.81
CA GLN C 116 11.98 -19.30 18.67
C GLN C 116 12.82 -19.31 17.38
N HIS C 117 12.28 -18.74 16.32
CA HIS C 117 12.96 -18.73 15.05
C HIS C 117 13.93 -17.57 14.84
N ASP C 118 14.21 -16.77 15.86
CA ASP C 118 15.09 -15.63 15.64
C ASP C 118 16.54 -15.86 16.01
N HIS C 119 17.42 -14.98 15.54
CA HIS C 119 18.87 -15.06 15.80
C HIS C 119 19.39 -13.92 16.69
N SER C 120 19.61 -12.75 16.10
CA SER C 120 20.14 -11.59 16.82
C SER C 120 19.34 -11.17 18.06
N VAL C 121 19.94 -10.28 18.85
CA VAL C 121 19.27 -9.74 20.04
C VAL C 121 18.23 -8.73 19.56
N LEU C 122 18.58 -7.97 18.52
CA LEU C 122 17.66 -7.00 17.96
C LEU C 122 16.38 -7.76 17.79
N SER C 123 16.37 -8.68 16.84
CA SER C 123 15.19 -9.47 16.59
C SER C 123 14.63 -10.04 17.89
N LEU C 124 15.46 -10.69 18.70
CA LEU C 124 14.97 -11.24 19.96
C LEU C 124 14.46 -10.18 20.92
N ARG C 125 14.17 -8.99 20.38
CA ARG C 125 13.65 -7.89 21.20
C ARG C 125 12.61 -7.06 20.46
N ARG C 126 12.50 -7.28 19.15
CA ARG C 126 11.52 -6.58 18.34
C ARG C 126 10.20 -7.34 18.54
N ASN C 127 10.17 -8.21 19.54
CA ASN C 127 8.97 -8.98 19.86
C ASN C 127 8.46 -8.61 21.25
N LEU C 128 7.15 -8.68 21.43
CA LEU C 128 6.55 -8.37 22.71
C LEU C 128 5.95 -9.63 23.32
N GLY C 129 5.97 -9.70 24.65
CA GLY C 129 5.41 -10.84 25.36
C GLY C 129 6.13 -12.16 25.17
N LEU C 130 7.37 -12.12 24.69
CA LEU C 130 8.11 -13.36 24.49
C LEU C 130 8.33 -13.99 25.86
N GLU C 131 8.86 -13.23 26.80
CA GLU C 131 9.12 -13.76 28.14
C GLU C 131 7.92 -14.48 28.74
N GLU C 132 6.76 -13.86 28.64
CA GLU C 132 5.56 -14.46 29.19
C GLU C 132 5.36 -15.84 28.54
N THR C 133 5.65 -15.94 27.24
CA THR C 133 5.49 -17.20 26.48
C THR C 133 6.50 -18.25 26.89
N VAL C 134 7.78 -17.90 26.80
CA VAL C 134 8.85 -18.80 27.21
C VAL C 134 8.50 -19.32 28.60
N ARG C 135 8.15 -18.44 29.52
CA ARG C 135 7.81 -18.85 30.87
C ARG C 135 6.66 -19.85 30.90
N ARG C 136 5.72 -19.71 29.97
CA ARG C 136 4.56 -20.61 29.91
C ARG C 136 4.82 -21.91 29.14
N ALA C 137 5.84 -21.91 28.30
CA ALA C 137 6.18 -23.06 27.49
C ALA C 137 6.59 -24.32 28.24
N ASP C 138 6.05 -25.46 27.82
CA ASP C 138 6.39 -26.74 28.41
C ASP C 138 7.60 -27.26 27.65
N VAL C 139 7.77 -26.74 26.42
CA VAL C 139 8.89 -27.11 25.55
C VAL C 139 9.37 -25.90 24.76
N ILE C 140 10.68 -25.74 24.61
CA ILE C 140 11.24 -24.60 23.88
C ILE C 140 12.36 -24.97 22.91
N PHE C 141 12.23 -24.55 21.67
CA PHE C 141 13.25 -24.83 20.65
C PHE C 141 13.96 -23.54 20.22
N SER C 142 15.03 -23.68 19.46
CA SER C 142 15.77 -22.53 18.95
C SER C 142 16.72 -23.09 17.92
N HIS C 143 17.37 -22.22 17.18
CA HIS C 143 18.28 -22.63 16.12
C HIS C 143 19.71 -22.93 16.55
N SER C 144 20.12 -22.42 17.69
CA SER C 144 21.49 -22.66 18.12
C SER C 144 21.71 -22.56 19.62
N ASP C 145 22.40 -23.55 20.17
CA ASP C 145 22.69 -23.58 21.60
C ASP C 145 23.55 -22.37 22.01
N ASN C 146 24.21 -21.79 21.02
CA ASN C 146 25.08 -20.63 21.24
C ASN C 146 24.53 -19.37 20.62
N GLY C 147 23.23 -19.13 20.80
CA GLY C 147 22.62 -17.95 20.23
C GLY C 147 22.45 -16.92 21.31
N ASP C 148 21.68 -15.88 21.00
CA ASP C 148 21.42 -14.81 21.94
C ASP C 148 20.27 -15.21 22.83
N PHE C 149 19.44 -16.11 22.32
CA PHE C 149 18.27 -16.59 23.04
C PHE C 149 18.67 -17.43 24.24
N ASN C 150 19.52 -18.42 24.00
CA ASN C 150 19.95 -19.27 25.09
C ASN C 150 20.90 -18.52 26.02
N LYS C 151 21.83 -17.76 25.43
CA LYS C 151 22.81 -17.03 26.22
C LYS C 151 22.32 -15.71 26.81
N VAL C 152 22.10 -14.72 25.95
CA VAL C 152 21.65 -13.42 26.42
C VAL C 152 20.35 -13.47 27.20
N LEU C 153 19.23 -13.55 26.47
CA LEU C 153 17.88 -13.55 27.06
C LEU C 153 17.55 -14.64 28.08
N MET C 154 17.75 -15.90 27.72
CA MET C 154 17.45 -16.97 28.64
C MET C 154 18.07 -16.69 30.01
N LYS C 155 19.39 -16.51 30.04
CA LYS C 155 20.12 -16.25 31.30
C LYS C 155 19.58 -14.99 31.96
N GLU C 156 19.04 -14.09 31.14
CA GLU C 156 18.47 -12.83 31.61
C GLU C 156 17.21 -13.13 32.43
N TRP C 157 16.31 -13.91 31.86
CA TRP C 157 15.08 -14.28 32.55
C TRP C 157 15.32 -15.34 33.63
N TYR C 158 16.22 -16.28 33.35
CA TYR C 158 16.55 -17.36 34.28
C TYR C 158 18.03 -17.34 34.69
N PRO C 159 18.39 -16.53 35.71
CA PRO C 159 19.79 -16.44 36.16
C PRO C 159 20.25 -17.73 36.86
N ALA C 171 16.96 -24.55 34.45
CA ALA C 171 15.56 -24.19 34.41
C ALA C 171 15.32 -22.99 33.46
N PRO C 172 14.84 -23.26 32.24
CA PRO C 172 14.49 -24.59 31.71
C PRO C 172 15.37 -24.99 30.52
N THR C 173 14.99 -26.08 29.86
CA THR C 173 15.72 -26.62 28.72
C THR C 173 15.31 -26.02 27.40
N VAL C 174 16.28 -25.80 26.53
CA VAL C 174 16.05 -25.26 25.19
C VAL C 174 16.66 -26.21 24.18
N TYR C 175 15.81 -27.07 23.62
CA TYR C 175 16.23 -28.05 22.62
C TYR C 175 16.55 -27.34 21.31
N ASN C 176 17.30 -28.03 20.44
CA ASN C 176 17.64 -27.46 19.17
C ASN C 176 16.67 -28.03 18.14
N PHE C 177 16.60 -27.40 16.96
CA PHE C 177 15.70 -27.88 15.91
C PHE C 177 16.09 -27.31 14.55
N GLN C 178 15.48 -27.82 13.50
CA GLN C 178 15.75 -27.32 12.17
C GLN C 178 14.41 -27.12 11.50
N PRO C 179 14.32 -26.16 10.57
CA PRO C 179 13.05 -25.92 9.85
C PRO C 179 12.93 -26.95 8.72
N PRO C 180 12.26 -28.08 8.99
CA PRO C 180 12.03 -29.20 8.07
C PRO C 180 11.11 -28.87 6.94
N MET C 181 11.40 -29.44 5.78
CA MET C 181 10.54 -29.24 4.63
C MET C 181 10.38 -30.59 3.94
N ASP C 182 9.30 -30.75 3.18
CA ASP C 182 9.07 -31.99 2.47
C ASP C 182 9.80 -31.94 1.14
N ILE C 183 11.11 -32.11 1.20
CA ILE C 183 11.95 -32.09 0.03
C ILE C 183 11.37 -33.00 -1.05
N VAL C 184 10.86 -34.14 -0.63
CA VAL C 184 10.30 -35.13 -1.54
C VAL C 184 9.06 -34.64 -2.29
N LYS C 185 8.18 -33.93 -1.60
CA LYS C 185 6.95 -33.42 -2.22
C LYS C 185 7.26 -32.34 -3.26
N VAL C 186 8.29 -31.55 -3.02
CA VAL C 186 8.63 -30.48 -3.96
C VAL C 186 9.41 -30.99 -5.18
N ARG C 187 9.94 -32.20 -5.09
CA ARG C 187 10.65 -32.73 -6.23
C ARG C 187 9.58 -33.16 -7.21
N SER C 188 8.83 -34.18 -6.81
CA SER C 188 7.77 -34.75 -7.61
C SER C 188 6.76 -33.78 -8.22
N THR C 189 7.11 -32.50 -8.34
CA THR C 189 6.20 -31.52 -8.92
C THR C 189 6.90 -30.46 -9.77
N TYR C 190 8.15 -30.18 -9.44
CA TYR C 190 8.91 -29.17 -10.17
C TYR C 190 10.16 -29.70 -10.85
N TRP C 191 10.73 -30.76 -10.29
CA TRP C 191 11.96 -31.34 -10.83
C TRP C 191 11.86 -31.69 -12.32
N LYS C 192 12.02 -30.67 -13.16
CA LYS C 192 11.95 -30.80 -14.61
C LYS C 192 13.05 -31.70 -15.17
N ASP C 193 13.01 -31.92 -16.48
CA ASP C 193 14.00 -32.77 -17.14
C ASP C 193 15.14 -31.87 -17.66
N VAL C 194 16.37 -32.33 -17.44
CA VAL C 194 17.58 -31.61 -17.84
C VAL C 194 17.59 -31.12 -19.30
N SER C 195 16.49 -31.38 -20.01
CA SER C 195 16.36 -30.96 -21.40
C SER C 195 15.49 -29.70 -21.51
N GLU C 196 15.17 -29.11 -20.36
CA GLU C 196 14.37 -27.89 -20.31
C GLU C 196 15.04 -26.89 -19.38
N ILE C 197 16.15 -27.31 -18.79
CA ILE C 197 16.94 -26.47 -17.89
C ILE C 197 17.88 -25.55 -18.68
N ASN C 198 17.43 -24.32 -18.91
CA ASN C 198 18.21 -23.31 -19.62
C ASN C 198 19.45 -22.94 -18.80
N MET C 199 20.54 -23.70 -18.96
CA MET C 199 21.79 -23.50 -18.23
C MET C 199 22.26 -22.06 -17.99
N ASN C 200 21.98 -21.16 -18.92
CA ASN C 200 22.44 -19.78 -18.79
C ASN C 200 21.73 -18.89 -17.78
N ILE C 201 20.61 -19.35 -17.22
CA ILE C 201 19.87 -18.56 -16.25
C ILE C 201 20.41 -18.80 -14.84
N ASN C 202 20.63 -17.71 -14.11
CA ASN C 202 21.11 -17.77 -12.74
C ASN C 202 20.13 -17.03 -11.84
N ARG C 203 19.46 -17.76 -10.95
CA ARG C 203 18.47 -17.18 -10.05
C ARG C 203 18.94 -17.21 -8.60
N TRP C 204 18.76 -16.07 -7.93
CA TRP C 204 19.14 -15.88 -6.51
C TRP C 204 17.83 -15.76 -5.75
N ILE C 205 17.79 -16.36 -4.55
CA ILE C 205 16.59 -16.33 -3.70
C ILE C 205 16.94 -15.76 -2.32
N GLY C 206 15.95 -15.11 -1.71
CA GLY C 206 16.15 -14.51 -0.41
C GLY C 206 15.46 -13.16 -0.34
N ARG C 207 15.91 -12.27 0.54
CA ARG C 207 15.30 -10.95 0.68
C ARG C 207 16.28 -9.81 0.93
N THR C 208 15.78 -8.58 0.92
CA THR C 208 16.64 -7.40 1.09
C THR C 208 17.32 -7.19 2.46
N THR C 209 18.39 -7.95 2.71
CA THR C 209 19.16 -7.86 3.95
C THR C 209 20.57 -8.28 3.69
N THR C 210 21.50 -7.45 4.13
CA THR C 210 22.90 -7.72 3.91
C THR C 210 23.33 -9.18 4.02
N TRP C 211 22.89 -9.91 5.05
CA TRP C 211 23.30 -11.30 5.21
C TRP C 211 22.63 -12.32 4.31
N LYS C 212 21.80 -11.87 3.38
CA LYS C 212 21.18 -12.79 2.42
C LYS C 212 22.07 -12.72 1.18
N GLY C 213 23.32 -12.30 1.40
CA GLY C 213 24.31 -12.17 0.35
C GLY C 213 23.88 -11.58 -0.99
N PHE C 214 23.02 -10.56 -1.00
CA PHE C 214 22.60 -10.00 -2.27
C PHE C 214 23.64 -9.06 -2.87
N TYR C 215 24.42 -8.41 -2.02
CA TYR C 215 25.46 -7.52 -2.52
C TYR C 215 26.39 -8.40 -3.32
N GLN C 216 26.79 -9.52 -2.73
CA GLN C 216 27.71 -10.47 -3.35
C GLN C 216 27.24 -10.99 -4.72
N MET C 217 25.93 -11.20 -4.87
CA MET C 217 25.40 -11.66 -6.14
C MET C 217 25.86 -10.65 -7.20
N PHE C 218 25.26 -9.45 -7.16
CA PHE C 218 25.59 -8.35 -8.08
C PHE C 218 27.04 -8.38 -8.54
N ASP C 219 27.94 -8.42 -7.56
CA ASP C 219 29.36 -8.45 -7.83
C ASP C 219 29.64 -9.54 -8.86
N PHE C 220 29.15 -10.73 -8.55
CA PHE C 220 29.29 -11.92 -9.37
C PHE C 220 28.74 -11.74 -10.79
N HIS C 221 27.50 -11.30 -10.90
CA HIS C 221 26.88 -11.08 -12.22
C HIS C 221 27.70 -10.05 -12.97
N GLU C 222 28.58 -9.36 -12.25
CA GLU C 222 29.42 -8.33 -12.87
C GLU C 222 30.77 -8.89 -13.27
N LYS C 223 31.50 -9.46 -12.32
CA LYS C 223 32.81 -10.02 -12.63
C LYS C 223 32.80 -11.29 -13.47
N PHE C 224 31.63 -11.86 -13.74
CA PHE C 224 31.58 -13.10 -14.53
C PHE C 224 30.30 -13.36 -15.33
N LEU C 225 29.18 -13.50 -14.64
CA LEU C 225 27.91 -13.77 -15.28
C LEU C 225 27.59 -12.86 -16.47
N LYS C 226 27.70 -11.54 -16.28
CA LYS C 226 27.42 -10.57 -17.34
C LYS C 226 28.44 -10.71 -18.46
N PRO C 227 29.74 -10.82 -18.10
CA PRO C 227 30.79 -10.98 -19.11
C PRO C 227 30.50 -12.19 -19.98
N ALA C 228 30.44 -13.36 -19.35
CA ALA C 228 30.20 -14.63 -20.03
C ALA C 228 28.87 -14.77 -20.78
N GLY C 229 28.15 -13.68 -20.99
CA GLY C 229 26.90 -13.74 -21.74
C GLY C 229 25.68 -14.32 -21.02
N LYS C 230 25.88 -14.82 -19.81
CA LYS C 230 24.80 -15.39 -19.00
C LYS C 230 23.81 -14.28 -18.60
N SER C 231 22.77 -14.66 -17.87
CA SER C 231 21.77 -13.71 -17.42
C SER C 231 21.52 -13.99 -15.94
N THR C 232 21.12 -12.97 -15.20
CA THR C 232 20.85 -13.14 -13.77
C THR C 232 19.53 -12.51 -13.32
N VAL C 233 18.80 -13.25 -12.50
CA VAL C 233 17.54 -12.77 -11.95
C VAL C 233 17.62 -13.06 -10.47
N MET C 234 17.28 -12.07 -9.66
CA MET C 234 17.30 -12.20 -8.21
C MET C 234 15.89 -11.89 -7.71
N GLU C 235 15.20 -12.93 -7.25
CA GLU C 235 13.84 -12.78 -6.74
C GLU C 235 13.84 -12.57 -5.24
N GLY C 236 12.89 -11.78 -4.76
CA GLY C 236 12.81 -11.54 -3.34
C GLY C 236 13.15 -10.16 -2.85
N LEU C 237 14.01 -9.44 -3.58
CA LEU C 237 14.40 -8.09 -3.15
C LEU C 237 13.22 -7.15 -3.07
N GLU C 238 12.82 -6.82 -1.85
CA GLU C 238 11.71 -5.92 -1.58
C GLU C 238 12.33 -4.53 -1.57
N ARG C 239 11.57 -3.52 -1.94
CA ARG C 239 12.09 -2.16 -2.00
C ARG C 239 12.05 -1.49 -0.63
N SER C 240 12.27 -2.30 0.41
CA SER C 240 12.25 -1.80 1.79
C SER C 240 13.37 -0.79 1.94
N PRO C 241 13.36 -0.02 3.04
CA PRO C 241 14.41 0.99 3.28
C PRO C 241 15.83 0.49 3.02
N ALA C 242 16.03 -0.82 3.19
CA ALA C 242 17.33 -1.43 2.95
C ALA C 242 17.74 -1.23 1.49
N PHE C 243 16.75 -0.96 0.65
CA PHE C 243 16.96 -0.74 -0.78
C PHE C 243 17.67 0.57 -1.08
N ILE C 244 17.43 1.59 -0.28
CA ILE C 244 18.03 2.87 -0.52
C ILE C 244 19.55 2.71 -0.59
N ALA C 245 20.04 1.57 -0.14
CA ALA C 245 21.47 1.28 -0.16
C ALA C 245 21.93 0.91 -1.57
N ILE C 246 21.11 0.10 -2.25
CA ILE C 246 21.40 -0.35 -3.60
C ILE C 246 21.42 0.87 -4.51
N LYS C 247 20.35 1.65 -4.46
CA LYS C 247 20.24 2.85 -5.27
C LYS C 247 21.42 3.79 -5.04
N GLU C 248 21.67 4.13 -3.77
CA GLU C 248 22.77 5.04 -3.42
C GLU C 248 24.16 4.49 -3.76
N LYS C 249 24.33 3.17 -3.70
CA LYS C 249 25.62 2.61 -4.05
C LYS C 249 25.68 2.53 -5.58
N GLY C 250 24.60 3.00 -6.21
CA GLY C 250 24.49 3.01 -7.65
C GLY C 250 24.80 1.71 -8.39
N ILE C 251 23.91 0.73 -8.25
CA ILE C 251 24.10 -0.54 -8.91
C ILE C 251 23.07 -0.69 -10.01
N PRO C 252 23.47 -1.24 -11.16
CA PRO C 252 22.59 -1.44 -12.31
C PRO C 252 21.71 -2.67 -12.10
N TYR C 253 20.40 -2.47 -12.18
CA TYR C 253 19.46 -3.55 -11.98
C TYR C 253 18.18 -3.14 -12.67
N GLU C 254 17.33 -4.10 -13.01
CA GLU C 254 16.06 -3.77 -13.63
C GLU C 254 15.03 -4.38 -12.71
N TYR C 255 14.02 -3.59 -12.34
CA TYR C 255 13.01 -4.01 -11.38
C TYR C 255 11.61 -4.35 -11.93
N TYR C 256 11.26 -5.64 -11.86
CA TYR C 256 9.96 -6.07 -12.33
C TYR C 256 9.13 -6.60 -11.17
N GLY C 257 7.84 -6.29 -11.18
CA GLY C 257 6.95 -6.78 -10.15
C GLY C 257 6.48 -8.16 -10.58
N ASN C 258 5.29 -8.58 -10.19
CA ASN C 258 4.81 -9.90 -10.58
C ASN C 258 3.78 -9.86 -11.71
N ARG C 259 3.30 -8.67 -12.03
CA ARG C 259 2.33 -8.51 -13.12
C ARG C 259 3.15 -8.33 -14.39
N GLU C 260 4.43 -8.04 -14.21
CA GLU C 260 5.33 -7.80 -15.32
C GLU C 260 6.54 -8.71 -15.28
N ILE C 261 6.34 -9.97 -14.89
CA ILE C 261 7.46 -10.88 -14.81
C ILE C 261 7.90 -11.30 -16.21
N ASP C 262 6.95 -11.24 -17.13
CA ASP C 262 7.15 -11.59 -18.54
C ASP C 262 8.13 -10.65 -19.24
N LYS C 263 7.88 -9.35 -19.10
CA LYS C 263 8.70 -8.30 -19.71
C LYS C 263 10.15 -8.33 -19.22
N MET C 264 10.53 -9.40 -18.54
CA MET C 264 11.88 -9.50 -18.01
C MET C 264 12.87 -9.79 -19.13
N ASN C 265 13.65 -8.77 -19.48
CA ASN C 265 14.66 -8.94 -20.54
C ASN C 265 15.61 -10.08 -20.15
N LEU C 266 15.23 -11.29 -20.53
CA LEU C 266 16.02 -12.47 -20.21
C LEU C 266 17.32 -12.61 -21.04
N ALA C 267 17.38 -11.92 -22.17
CA ALA C 267 18.55 -11.96 -23.06
C ALA C 267 19.86 -11.61 -22.36
N PRO C 268 21.00 -12.11 -22.88
CA PRO C 268 22.37 -11.91 -22.37
C PRO C 268 22.78 -10.45 -22.27
N ASN C 269 23.95 -10.21 -21.65
CA ASN C 269 24.46 -8.86 -21.47
C ASN C 269 23.37 -7.95 -20.97
N GLN C 270 23.02 -8.10 -19.70
CA GLN C 270 21.99 -7.26 -19.09
C GLN C 270 22.34 -7.08 -17.64
N PRO C 271 21.73 -6.09 -16.99
CA PRO C 271 22.06 -5.93 -15.58
C PRO C 271 21.28 -7.06 -14.89
N ALA C 272 21.46 -7.24 -13.59
CA ALA C 272 20.73 -8.28 -12.89
C ALA C 272 19.25 -7.88 -12.91
N GLN C 273 18.37 -8.86 -13.12
CA GLN C 273 16.93 -8.60 -13.14
C GLN C 273 16.39 -8.85 -11.75
N ILE C 274 15.90 -7.81 -11.10
CA ILE C 274 15.36 -7.94 -9.76
C ILE C 274 13.86 -8.14 -9.78
N LEU C 275 13.39 -9.02 -8.90
CA LEU C 275 11.96 -9.29 -8.77
C LEU C 275 11.67 -9.27 -7.29
N ASP C 276 10.80 -8.37 -6.84
CA ASP C 276 10.50 -8.31 -5.42
C ASP C 276 9.74 -9.52 -4.91
N CYS C 277 8.84 -9.29 -3.95
CA CYS C 277 8.04 -10.32 -3.34
C CYS C 277 7.34 -11.20 -4.37
N TYR C 278 7.81 -12.44 -4.46
CA TYR C 278 7.32 -13.44 -5.40
C TYR C 278 6.48 -14.52 -4.75
N ILE C 279 5.90 -15.37 -5.58
CA ILE C 279 5.10 -16.50 -5.09
C ILE C 279 6.05 -17.67 -4.93
N ASN C 280 5.88 -18.46 -3.88
CA ASN C 280 6.78 -19.59 -3.64
C ASN C 280 6.62 -20.68 -4.70
N SER C 281 5.38 -20.90 -5.16
CA SER C 281 5.12 -21.91 -6.16
C SER C 281 5.68 -21.49 -7.52
N GLU C 282 5.52 -20.22 -7.87
CA GLU C 282 6.04 -19.75 -9.15
C GLU C 282 7.56 -19.77 -9.17
N MET C 283 8.18 -19.34 -8.07
CA MET C 283 9.63 -19.30 -7.99
C MET C 283 10.25 -20.65 -8.22
N LEU C 284 9.85 -21.64 -7.43
CA LEU C 284 10.38 -23.00 -7.55
C LEU C 284 10.21 -23.48 -8.98
N GLU C 285 9.11 -23.07 -9.61
CA GLU C 285 8.81 -23.46 -10.98
C GLU C 285 9.96 -23.08 -11.89
N ARG C 286 10.12 -21.78 -12.11
CA ARG C 286 11.18 -21.25 -12.96
C ARG C 286 12.55 -21.79 -12.54
N MET C 287 12.74 -21.91 -11.23
CA MET C 287 13.99 -22.40 -10.63
C MET C 287 14.28 -23.87 -10.95
N SER C 288 13.25 -24.60 -11.37
CA SER C 288 13.39 -26.01 -11.74
C SER C 288 13.55 -26.11 -13.26
N LYS C 289 13.58 -24.95 -13.91
CA LYS C 289 13.75 -24.83 -15.35
C LYS C 289 14.95 -23.92 -15.51
N SER C 290 15.64 -23.64 -14.41
CA SER C 290 16.78 -22.73 -14.46
C SER C 290 18.13 -23.38 -14.28
N GLY C 291 19.14 -22.82 -14.92
CA GLY C 291 20.48 -23.35 -14.82
C GLY C 291 20.97 -23.48 -13.39
N PHE C 292 21.02 -22.37 -12.66
CA PHE C 292 21.51 -22.44 -11.29
C PHE C 292 20.75 -21.59 -10.25
N GLY C 293 20.72 -22.11 -9.01
CA GLY C 293 20.06 -21.42 -7.91
C GLY C 293 21.08 -20.98 -6.87
N TYR C 294 21.13 -19.67 -6.65
CA TYR C 294 22.07 -19.10 -5.68
C TYR C 294 21.38 -18.77 -4.37
N GLN C 295 22.13 -18.88 -3.28
CA GLN C 295 21.61 -18.57 -1.96
C GLN C 295 22.78 -18.44 -1.00
N LEU C 296 23.23 -17.21 -0.79
CA LEU C 296 24.37 -16.97 0.08
C LEU C 296 24.01 -16.37 1.43
N SER C 297 23.28 -17.12 2.24
CA SER C 297 22.91 -16.62 3.56
C SER C 297 24.16 -16.67 4.39
N LYS C 298 24.93 -15.59 4.36
CA LYS C 298 26.17 -15.52 5.11
C LYS C 298 25.99 -15.29 6.60
N LEU C 299 24.98 -15.90 7.19
CA LEU C 299 24.70 -15.74 8.61
C LEU C 299 25.93 -16.01 9.49
N ASN C 300 26.08 -15.22 10.55
CA ASN C 300 27.20 -15.38 11.48
C ASN C 300 27.15 -16.84 11.92
N GLN C 301 28.20 -17.34 12.57
CA GLN C 301 28.21 -18.73 12.99
C GLN C 301 27.42 -19.03 14.27
N LYS C 302 27.52 -18.16 15.27
CA LYS C 302 26.82 -18.38 16.53
C LYS C 302 25.37 -18.78 16.32
N TYR C 303 24.72 -18.18 15.34
CA TYR C 303 23.33 -18.50 15.04
C TYR C 303 23.18 -19.79 14.21
N LEU C 304 24.29 -20.26 13.63
CA LEU C 304 24.30 -21.48 12.81
C LEU C 304 24.66 -22.75 13.59
N GLN C 305 23.86 -23.80 13.42
CA GLN C 305 24.12 -25.05 14.11
C GLN C 305 23.67 -26.28 13.36
N ARG C 306 22.54 -26.21 12.68
CA ARG C 306 22.07 -27.38 11.95
C ARG C 306 20.95 -26.97 11.04
N SER C 307 20.39 -25.80 11.34
CA SER C 307 19.27 -25.29 10.58
C SER C 307 19.64 -24.61 9.28
N LEU C 308 19.04 -25.06 8.20
CA LEU C 308 19.24 -24.45 6.89
C LEU C 308 18.00 -23.60 6.72
N GLU C 309 17.89 -22.89 5.60
CA GLU C 309 16.72 -22.08 5.36
C GLU C 309 15.90 -22.71 4.26
N TYR C 310 14.60 -22.45 4.27
CA TYR C 310 13.75 -23.02 3.25
C TYR C 310 14.15 -22.63 1.84
N THR C 311 14.85 -21.51 1.70
CA THR C 311 15.31 -21.09 0.39
C THR C 311 16.35 -22.10 -0.04
N HIS C 312 17.17 -22.54 0.91
CA HIS C 312 18.22 -23.55 0.68
C HIS C 312 17.59 -24.88 0.23
N LEU C 313 16.73 -25.43 1.08
CA LEU C 313 16.06 -26.70 0.82
C LEU C 313 15.12 -26.66 -0.37
N GLU C 314 14.82 -25.49 -0.89
CA GLU C 314 13.92 -25.40 -2.05
C GLU C 314 14.68 -25.44 -3.36
N LEU C 315 15.98 -25.19 -3.30
CA LEU C 315 16.79 -25.21 -4.51
C LEU C 315 17.01 -26.66 -4.90
N GLY C 316 17.73 -27.40 -4.05
CA GLY C 316 17.99 -28.79 -4.33
C GLY C 316 16.69 -29.56 -4.53
N ALA C 317 15.60 -28.99 -4.04
CA ALA C 317 14.30 -29.62 -4.15
C ALA C 317 13.72 -29.57 -5.56
N CYS C 318 13.91 -28.45 -6.26
CA CYS C 318 13.37 -28.33 -7.61
C CYS C 318 14.40 -28.70 -8.68
N GLY C 319 15.33 -29.56 -8.29
CA GLY C 319 16.36 -30.04 -9.20
C GLY C 319 17.16 -29.04 -10.00
N THR C 320 17.70 -28.04 -9.32
CA THR C 320 18.54 -27.05 -9.98
C THR C 320 19.88 -27.17 -9.28
N ILE C 321 20.89 -26.52 -9.81
CA ILE C 321 22.19 -26.60 -9.16
C ILE C 321 22.23 -25.63 -7.99
N PRO C 322 22.43 -26.17 -6.78
CA PRO C 322 22.48 -25.34 -5.57
C PRO C 322 23.83 -24.63 -5.35
N VAL C 323 23.77 -23.30 -5.23
CA VAL C 323 24.97 -22.50 -4.98
C VAL C 323 24.78 -21.89 -3.60
N PHE C 324 25.49 -22.41 -2.60
CA PHE C 324 25.37 -21.91 -1.24
C PHE C 324 26.62 -21.17 -0.79
N TRP C 325 26.43 -20.22 0.11
CA TRP C 325 27.55 -19.45 0.63
C TRP C 325 28.51 -20.34 1.42
N LYS C 326 29.71 -20.52 0.86
CA LYS C 326 30.73 -21.34 1.50
C LYS C 326 30.75 -21.21 3.02
N SER C 327 31.26 -20.09 3.53
CA SER C 327 31.35 -19.87 4.98
C SER C 327 30.33 -20.69 5.77
N THR C 328 29.06 -20.55 5.38
CA THR C 328 27.93 -21.25 6.01
C THR C 328 28.13 -22.75 6.17
N GLY C 329 28.15 -23.46 5.05
CA GLY C 329 28.31 -24.90 5.05
C GLY C 329 29.43 -25.38 5.97
N GLU C 330 30.33 -24.48 6.31
CA GLU C 330 31.45 -24.84 7.17
C GLU C 330 31.06 -24.84 8.65
N ASN C 331 30.07 -24.01 9.01
CA ASN C 331 29.62 -23.92 10.41
C ASN C 331 28.42 -24.81 10.67
N LEU C 332 27.66 -25.11 9.61
CA LEU C 332 26.48 -25.95 9.71
C LEU C 332 26.85 -27.42 9.79
N LYS C 333 26.45 -28.07 10.88
CA LYS C 333 26.72 -29.49 11.03
C LYS C 333 25.63 -30.35 10.37
N PHE C 334 26.06 -31.48 9.84
CA PHE C 334 25.17 -32.43 9.18
C PHE C 334 24.37 -33.22 10.20
N ARG C 335 23.07 -33.32 9.95
CA ARG C 335 22.14 -34.02 10.83
C ARG C 335 22.51 -35.44 11.24
N VAL C 336 23.23 -36.14 10.37
CA VAL C 336 23.61 -37.52 10.63
C VAL C 336 24.82 -37.69 11.55
N ASP C 337 26.03 -37.50 11.01
CA ASP C 337 27.24 -37.67 11.84
C ASP C 337 27.64 -36.40 12.57
N ASN C 338 26.88 -35.32 12.34
CA ASN C 338 27.13 -34.05 13.01
C ASN C 338 28.48 -33.47 12.58
N THR C 339 28.84 -33.67 11.32
CA THR C 339 30.12 -33.18 10.81
C THR C 339 29.95 -32.04 9.82
N PRO C 340 30.86 -31.04 9.86
CA PRO C 340 30.76 -29.90 8.95
C PRO C 340 30.12 -30.31 7.63
N LEU C 341 29.11 -29.57 7.18
CA LEU C 341 28.43 -29.90 5.94
C LEU C 341 29.42 -30.06 4.80
N THR C 342 29.95 -28.94 4.34
CA THR C 342 30.93 -28.87 3.26
C THR C 342 31.87 -30.05 3.03
N SER C 343 32.14 -30.87 4.05
CA SER C 343 33.02 -32.02 3.88
C SER C 343 32.25 -33.28 3.45
N HIS C 344 31.58 -33.20 2.31
CA HIS C 344 30.78 -34.29 1.76
C HIS C 344 30.73 -34.04 0.25
N ASP C 345 30.08 -34.94 -0.47
CA ASP C 345 29.95 -34.76 -1.91
C ASP C 345 28.51 -34.30 -2.09
N SER C 346 28.18 -33.22 -1.39
CA SER C 346 26.86 -32.62 -1.42
C SER C 346 26.33 -32.39 -2.83
N GLY C 347 27.25 -32.11 -3.75
CA GLY C 347 26.85 -31.86 -5.12
C GLY C 347 26.54 -30.38 -5.27
N ILE C 348 26.83 -29.61 -4.22
CA ILE C 348 26.58 -28.18 -4.21
C ILE C 348 27.87 -27.40 -4.40
N ILE C 349 27.75 -26.21 -4.99
CA ILE C 349 28.87 -25.33 -5.24
C ILE C 349 29.01 -24.43 -4.03
N TRP C 350 30.15 -24.49 -3.36
CA TRP C 350 30.39 -23.66 -2.17
C TRP C 350 30.90 -22.27 -2.51
N PHE C 351 30.01 -21.46 -3.09
CA PHE C 351 30.28 -20.08 -3.49
C PHE C 351 31.27 -19.38 -2.56
N ASP C 352 32.44 -19.04 -3.10
CA ASP C 352 33.47 -18.38 -2.31
C ASP C 352 33.70 -16.94 -2.76
N GLU C 353 33.15 -15.99 -1.98
CA GLU C 353 33.26 -14.56 -2.29
C GLU C 353 34.69 -14.14 -2.68
N ASN C 354 35.68 -14.91 -2.22
CA ASN C 354 37.07 -14.62 -2.52
C ASN C 354 37.53 -15.17 -3.89
N ASP C 355 37.31 -16.46 -4.10
CA ASP C 355 37.72 -17.04 -5.37
C ASP C 355 36.48 -17.21 -6.23
N MET C 356 35.78 -16.10 -6.47
CA MET C 356 34.56 -16.11 -7.29
C MET C 356 34.70 -16.81 -8.64
N GLU C 357 35.90 -16.79 -9.23
CA GLU C 357 36.14 -17.45 -10.52
C GLU C 357 36.07 -18.96 -10.35
N SER C 358 36.84 -19.48 -9.39
CA SER C 358 36.88 -20.92 -9.10
C SER C 358 35.45 -21.46 -9.07
N THR C 359 34.56 -20.65 -8.51
CA THR C 359 33.15 -20.96 -8.41
C THR C 359 32.51 -20.94 -9.79
N PHE C 360 32.87 -19.95 -10.61
CA PHE C 360 32.33 -19.86 -11.95
C PHE C 360 32.86 -21.01 -12.80
N GLU C 361 33.98 -21.60 -12.36
CA GLU C 361 34.58 -22.71 -13.07
C GLU C 361 33.68 -23.94 -12.90
N ARG C 362 33.50 -24.36 -11.64
CA ARG C 362 32.67 -25.50 -11.32
C ARG C 362 31.31 -25.32 -11.97
N ILE C 363 30.98 -24.07 -12.32
CA ILE C 363 29.71 -23.79 -12.94
C ILE C 363 29.74 -24.12 -14.43
N LYS C 364 30.84 -23.78 -15.09
CA LYS C 364 30.97 -24.10 -16.51
C LYS C 364 31.12 -25.60 -16.57
N GLU C 365 32.10 -26.08 -15.81
CA GLU C 365 32.44 -27.49 -15.70
C GLU C 365 31.18 -28.33 -15.61
N LEU C 366 30.12 -27.78 -15.04
CA LEU C 366 28.87 -28.51 -14.88
C LEU C 366 27.73 -28.04 -15.77
N SER C 367 27.89 -26.88 -16.42
CA SER C 367 26.85 -26.34 -17.30
C SER C 367 27.11 -26.72 -18.75
N SER C 368 28.20 -27.46 -18.96
CA SER C 368 28.60 -27.91 -20.29
C SER C 368 28.08 -29.34 -20.49
N ASP C 369 28.54 -30.24 -19.63
CA ASP C 369 28.18 -31.66 -19.65
C ASP C 369 26.75 -31.83 -19.10
N ARG C 370 25.75 -31.56 -19.93
CA ARG C 370 24.35 -31.70 -19.51
C ARG C 370 24.02 -33.08 -18.96
N ALA C 371 25.04 -33.90 -18.75
CA ALA C 371 24.86 -35.23 -18.20
C ALA C 371 25.50 -35.24 -16.83
N LEU C 372 26.51 -34.38 -16.67
CA LEU C 372 27.25 -34.22 -15.42
C LEU C 372 26.45 -33.32 -14.48
N TYR C 373 25.57 -32.54 -15.08
CA TYR C 373 24.71 -31.62 -14.36
C TYR C 373 23.61 -32.43 -13.70
N ASP C 374 23.01 -33.33 -14.47
CA ASP C 374 21.93 -34.18 -13.98
C ASP C 374 22.39 -35.18 -12.93
N ARG C 375 23.68 -35.44 -12.85
CA ARG C 375 24.20 -36.37 -11.86
C ARG C 375 24.66 -35.66 -10.59
N GLU C 376 24.89 -34.36 -10.68
CA GLU C 376 25.30 -33.59 -9.49
C GLU C 376 24.08 -33.14 -8.69
N ARG C 377 23.02 -32.78 -9.40
CA ARG C 377 21.80 -32.36 -8.75
C ARG C 377 21.10 -33.55 -8.12
N GLU C 378 21.54 -34.76 -8.47
CA GLU C 378 20.94 -35.95 -7.90
C GLU C 378 21.64 -36.28 -6.61
N LYS C 379 22.75 -35.59 -6.36
CA LYS C 379 23.48 -35.78 -5.13
C LYS C 379 22.98 -34.68 -4.21
N ALA C 380 22.58 -33.57 -4.84
CA ALA C 380 22.03 -32.40 -4.13
C ALA C 380 20.82 -32.85 -3.34
N TYR C 381 19.79 -33.24 -4.05
CA TYR C 381 18.55 -33.72 -3.46
C TYR C 381 18.75 -34.71 -2.32
N GLU C 382 19.45 -35.81 -2.60
CA GLU C 382 19.66 -36.83 -1.57
C GLU C 382 20.39 -36.32 -0.33
N PHE C 383 21.44 -35.56 -0.51
CA PHE C 383 22.18 -35.02 0.63
C PHE C 383 21.30 -34.10 1.47
N LEU C 384 20.49 -33.27 0.82
CA LEU C 384 19.62 -32.35 1.54
C LEU C 384 18.47 -33.13 2.17
N TYR C 385 17.97 -34.12 1.46
CA TYR C 385 16.88 -34.94 1.96
C TYR C 385 17.32 -35.57 3.28
N GLN C 386 18.56 -36.03 3.35
CA GLN C 386 19.06 -36.67 4.55
C GLN C 386 19.42 -35.71 5.68
N HIS C 387 19.41 -34.41 5.40
CA HIS C 387 19.77 -33.44 6.43
C HIS C 387 18.59 -32.72 7.05
N GLN C 388 17.58 -32.45 6.24
CA GLN C 388 16.47 -31.69 6.74
C GLN C 388 15.13 -32.02 6.09
N ASP C 389 14.74 -33.28 6.09
CA ASP C 389 13.45 -33.62 5.52
C ASP C 389 12.42 -33.73 6.65
N SER C 390 11.16 -33.46 6.34
CA SER C 390 10.11 -33.50 7.34
C SER C 390 10.04 -34.82 8.10
N SER C 391 10.11 -35.93 7.37
CA SER C 391 10.06 -37.26 7.96
C SER C 391 11.13 -37.53 9.03
N PHE C 392 12.31 -36.92 8.86
CA PHE C 392 13.39 -37.10 9.82
C PHE C 392 13.26 -36.12 10.97
N CYS C 393 13.09 -34.84 10.63
CA CYS C 393 13.02 -33.77 11.63
C CYS C 393 11.76 -33.64 12.48
N PHE C 394 10.61 -33.57 11.84
CA PHE C 394 9.37 -33.43 12.60
C PHE C 394 9.10 -34.66 13.48
N LYS C 395 9.78 -35.77 13.16
CA LYS C 395 9.68 -37.00 13.93
C LYS C 395 10.64 -36.79 15.10
N GLU C 396 11.73 -36.08 14.83
CA GLU C 396 12.70 -35.80 15.86
C GLU C 396 12.07 -34.85 16.88
N GLN C 397 11.30 -33.89 16.37
CA GLN C 397 10.65 -32.89 17.21
C GLN C 397 9.44 -33.42 17.94
N PHE C 398 8.65 -34.25 17.26
CA PHE C 398 7.46 -34.83 17.88
C PHE C 398 7.89 -35.64 19.12
N ASP C 399 9.00 -36.37 19.01
CA ASP C 399 9.49 -37.16 20.14
C ASP C 399 9.83 -36.29 21.34
N ILE C 400 10.57 -35.22 21.09
CA ILE C 400 10.95 -34.32 22.17
C ILE C 400 9.71 -33.71 22.80
N ILE C 401 8.77 -33.31 21.96
CA ILE C 401 7.54 -32.70 22.43
C ILE C 401 6.77 -33.66 23.33
N THR C 402 6.63 -34.91 22.88
CA THR C 402 5.86 -35.91 23.60
C THR C 402 6.54 -36.67 24.73
N LYS C 403 7.86 -36.52 24.82
CA LYS C 403 8.64 -37.19 25.85
C LYS C 403 7.84 -37.36 27.15
N MET D 1 -9.68 42.73 -25.25
CA MET D 1 -9.75 41.53 -26.15
C MET D 1 -11.18 41.13 -26.48
N GLY D 2 -11.31 40.30 -27.52
CA GLY D 2 -12.63 39.85 -27.96
C GLY D 2 -13.05 38.47 -27.49
N SER D 3 -13.88 37.81 -28.30
CA SER D 3 -14.40 36.50 -27.99
C SER D 3 -13.65 35.36 -28.64
N MET D 4 -13.35 34.32 -27.86
CA MET D 4 -12.63 33.17 -28.38
C MET D 4 -13.35 31.87 -28.10
N ARG D 5 -13.09 30.89 -28.96
CA ARG D 5 -13.68 29.56 -28.86
C ARG D 5 -12.77 28.71 -27.97
N ILE D 6 -13.25 28.30 -26.82
CA ILE D 6 -12.42 27.51 -25.90
C ILE D 6 -12.86 26.05 -25.92
N CYS D 7 -11.91 25.13 -26.04
CA CYS D 7 -12.27 23.71 -25.99
C CYS D 7 -11.71 23.27 -24.67
N ILE D 8 -12.56 22.73 -23.81
CA ILE D 8 -12.13 22.25 -22.50
C ILE D 8 -12.07 20.74 -22.59
N PHE D 9 -10.84 20.21 -22.66
CA PHE D 9 -10.61 18.78 -22.79
C PHE D 9 -10.25 18.01 -21.50
N MET D 10 -11.01 16.95 -21.21
CA MET D 10 -10.74 16.11 -20.04
C MET D 10 -10.32 14.74 -20.58
N ALA D 11 -9.03 14.54 -20.83
CA ALA D 11 -8.61 13.27 -21.42
C ALA D 11 -8.53 12.08 -20.48
N ARG D 12 -8.87 12.29 -19.21
CA ARG D 12 -8.83 11.18 -18.26
C ARG D 12 -10.21 10.61 -18.14
N GLY D 13 -11.17 11.38 -18.58
CA GLY D 13 -12.54 10.96 -18.51
C GLY D 13 -13.24 11.91 -17.58
N LEU D 14 -14.53 11.69 -17.38
CA LEU D 14 -15.27 12.57 -16.51
C LEU D 14 -15.45 11.87 -15.16
N GLU D 15 -14.55 12.19 -14.25
CA GLU D 15 -14.52 11.60 -12.90
C GLU D 15 -15.56 12.11 -11.90
N GLY D 16 -16.21 13.21 -12.22
CA GLY D 16 -17.23 13.74 -11.33
C GLY D 16 -16.76 14.26 -9.99
N CYS D 17 -15.53 14.75 -9.96
CA CYS D 17 -14.97 15.30 -8.73
C CYS D 17 -14.35 16.64 -9.10
N GLY D 18 -13.46 17.15 -8.26
CA GLY D 18 -12.83 18.44 -8.52
C GLY D 18 -12.48 18.77 -9.96
N VAL D 19 -11.93 17.80 -10.67
CA VAL D 19 -11.57 18.10 -12.04
C VAL D 19 -12.83 18.30 -12.88
N THR D 20 -13.91 17.60 -12.56
CA THR D 20 -15.14 17.78 -13.33
C THR D 20 -15.76 19.11 -12.94
N LYS D 21 -15.84 19.35 -11.64
CA LYS D 21 -16.38 20.58 -11.10
C LYS D 21 -15.61 21.76 -11.67
N PHE D 22 -14.29 21.69 -11.64
CA PHE D 22 -13.50 22.79 -12.15
C PHE D 22 -13.80 23.04 -13.63
N SER D 23 -13.81 21.97 -14.43
CA SER D 23 -14.10 22.05 -15.87
C SER D 23 -15.41 22.78 -16.07
N LEU D 24 -16.42 22.37 -15.31
CA LEU D 24 -17.74 22.96 -15.41
C LEU D 24 -17.78 24.44 -15.06
N GLU D 25 -17.16 24.78 -13.92
CA GLU D 25 -17.13 26.15 -13.47
C GLU D 25 -16.36 26.98 -14.47
N GLN D 26 -15.35 26.37 -15.07
CA GLN D 26 -14.53 27.04 -16.06
C GLN D 26 -15.39 27.25 -17.31
N ARG D 27 -16.26 26.28 -17.59
CA ARG D 27 -17.11 26.44 -18.74
C ARG D 27 -18.02 27.63 -18.48
N ASP D 28 -18.81 27.57 -17.40
CA ASP D 28 -19.76 28.65 -17.06
C ASP D 28 -19.19 30.07 -17.07
N TRP D 29 -17.93 30.23 -16.70
CA TRP D 29 -17.31 31.54 -16.67
C TRP D 29 -16.94 32.06 -18.08
N PHE D 30 -16.24 31.26 -18.88
CA PHE D 30 -15.90 31.72 -20.25
C PHE D 30 -17.20 32.11 -20.95
N ILE D 31 -18.22 31.27 -20.78
CA ILE D 31 -19.52 31.51 -21.37
C ILE D 31 -20.08 32.81 -20.81
N LYS D 32 -20.13 32.92 -19.50
CA LYS D 32 -20.66 34.12 -18.87
C LYS D 32 -19.83 35.33 -19.28
N ASN D 33 -18.69 35.12 -19.92
CA ASN D 33 -17.88 36.26 -20.33
C ASN D 33 -17.76 36.46 -21.84
N GLY D 34 -18.71 35.87 -22.57
CA GLY D 34 -18.72 36.01 -24.02
C GLY D 34 -17.73 35.14 -24.76
N HIS D 35 -17.75 33.84 -24.49
CA HIS D 35 -16.83 32.95 -25.15
C HIS D 35 -17.46 31.62 -25.52
N GLU D 36 -17.25 31.19 -26.76
CA GLU D 36 -17.80 29.93 -27.21
C GLU D 36 -17.03 28.83 -26.48
N VAL D 37 -17.76 27.89 -25.87
CA VAL D 37 -17.13 26.82 -25.13
C VAL D 37 -17.67 25.44 -25.45
N THR D 38 -16.79 24.52 -25.83
CA THR D 38 -17.19 23.13 -26.05
C THR D 38 -16.49 22.41 -24.88
N LEU D 39 -16.99 21.23 -24.49
CA LEU D 39 -16.43 20.47 -23.37
C LEU D 39 -16.35 19.04 -23.81
N VAL D 40 -15.14 18.59 -24.14
CA VAL D 40 -14.93 17.23 -24.59
C VAL D 40 -14.32 16.40 -23.49
N TYR D 41 -14.64 15.11 -23.47
CA TYR D 41 -14.07 14.20 -22.48
C TYR D 41 -13.94 12.81 -23.09
N ALA D 42 -12.91 12.08 -22.68
CA ALA D 42 -12.67 10.73 -23.18
C ALA D 42 -13.58 9.77 -22.46
N LYS D 43 -14.44 9.10 -23.22
CA LYS D 43 -15.39 8.15 -22.65
C LYS D 43 -14.72 6.81 -22.46
N ASP D 44 -13.53 6.66 -23.03
CA ASP D 44 -12.74 5.43 -22.97
C ASP D 44 -12.80 4.77 -21.58
N LYS D 45 -12.65 5.55 -20.52
CA LYS D 45 -12.74 5.01 -19.17
C LYS D 45 -13.96 5.61 -18.49
N SER D 46 -14.75 4.74 -17.85
CA SER D 46 -15.96 5.14 -17.17
C SER D 46 -15.77 5.30 -15.66
N PHE D 47 -16.48 6.25 -15.06
CA PHE D 47 -16.35 6.49 -13.64
C PHE D 47 -17.65 6.40 -12.82
N THR D 48 -17.49 6.06 -11.55
CA THR D 48 -18.58 5.92 -10.60
C THR D 48 -19.45 7.17 -10.53
N ARG D 49 -18.86 8.27 -10.05
CA ARG D 49 -19.55 9.53 -9.92
C ARG D 49 -19.68 10.25 -11.24
N THR D 50 -20.28 9.60 -12.23
CA THR D 50 -20.42 10.25 -13.53
C THR D 50 -21.69 11.10 -13.60
N SER D 51 -22.48 11.09 -12.53
CA SER D 51 -23.73 11.85 -12.51
C SER D 51 -23.86 12.86 -11.37
N SER D 52 -22.81 13.00 -10.58
CA SER D 52 -22.82 13.93 -9.48
C SER D 52 -23.00 15.37 -9.95
N HIS D 53 -22.57 15.66 -11.18
CA HIS D 53 -22.74 17.01 -11.70
C HIS D 53 -23.62 16.95 -12.94
N ASP D 54 -24.43 18.00 -13.13
CA ASP D 54 -25.34 18.05 -14.25
C ASP D 54 -24.57 18.55 -15.46
N HIS D 55 -24.30 17.67 -16.41
CA HIS D 55 -23.54 18.04 -17.59
C HIS D 55 -23.94 17.28 -18.87
N LYS D 56 -24.67 16.17 -18.72
CA LYS D 56 -25.06 15.38 -19.88
C LYS D 56 -25.74 16.12 -21.05
N SER D 57 -25.95 17.42 -20.89
CA SER D 57 -26.60 18.22 -21.93
C SER D 57 -25.63 18.97 -22.84
N PHE D 58 -24.36 19.08 -22.44
CA PHE D 58 -23.36 19.78 -23.25
C PHE D 58 -21.98 19.09 -23.34
N SER D 59 -21.70 18.19 -22.41
CA SER D 59 -20.41 17.52 -22.47
C SER D 59 -20.47 16.68 -23.72
N ILE D 60 -19.31 16.54 -24.37
CA ILE D 60 -19.18 15.80 -25.63
C ILE D 60 -18.29 14.58 -25.47
N PRO D 61 -18.85 13.42 -25.16
CA PRO D 61 -18.03 12.21 -25.00
C PRO D 61 -17.38 11.82 -26.31
N VAL D 62 -16.15 11.33 -26.23
CA VAL D 62 -15.39 10.89 -27.39
C VAL D 62 -14.64 9.65 -26.92
N ILE D 63 -14.21 8.80 -27.83
CA ILE D 63 -13.51 7.57 -27.43
C ILE D 63 -12.18 7.47 -28.12
N LEU D 64 -11.18 8.19 -27.62
CA LEU D 64 -9.85 8.20 -28.19
C LEU D 64 -9.49 6.92 -28.94
N ALA D 65 -9.61 5.78 -28.27
CA ALA D 65 -9.27 4.47 -28.85
C ALA D 65 -9.96 4.08 -30.16
N LYS D 66 -10.76 4.97 -30.73
CA LYS D 66 -11.46 4.64 -31.98
C LYS D 66 -11.88 5.89 -32.75
N GLU D 67 -12.43 6.86 -32.04
CA GLU D 67 -12.90 8.07 -32.67
C GLU D 67 -11.83 9.14 -32.81
N TYR D 68 -10.58 8.71 -32.89
CA TYR D 68 -9.47 9.65 -33.03
C TYR D 68 -9.81 10.82 -33.97
N ASP D 69 -10.34 10.52 -35.14
CA ASP D 69 -10.68 11.57 -36.10
C ASP D 69 -11.65 12.57 -35.48
N LYS D 70 -12.70 12.06 -34.85
CA LYS D 70 -13.67 12.92 -34.21
C LYS D 70 -12.97 13.81 -33.19
N ALA D 71 -12.17 13.20 -32.32
CA ALA D 71 -11.46 13.94 -31.30
C ALA D 71 -10.57 14.97 -31.94
N LEU D 72 -9.76 14.53 -32.90
CA LEU D 72 -8.82 15.42 -33.58
C LEU D 72 -9.46 16.70 -34.15
N LYS D 73 -10.71 16.60 -34.59
CA LYS D 73 -11.38 17.76 -35.15
C LYS D 73 -11.84 18.71 -34.05
N LEU D 74 -12.41 18.14 -33.00
CA LEU D 74 -12.88 18.91 -31.86
C LEU D 74 -11.78 19.76 -31.29
N VAL D 75 -10.68 19.11 -30.92
CA VAL D 75 -9.55 19.78 -30.31
C VAL D 75 -8.95 20.85 -31.21
N ASN D 76 -8.89 20.59 -32.51
CA ASN D 76 -8.31 21.56 -33.42
C ASN D 76 -9.29 22.67 -33.80
N ASP D 77 -10.44 22.67 -33.16
CA ASP D 77 -11.46 23.67 -33.40
C ASP D 77 -11.65 24.60 -32.21
N CYS D 78 -10.78 25.60 -32.11
CA CYS D 78 -10.83 26.58 -31.03
C CYS D 78 -9.61 27.48 -31.10
N ASP D 79 -9.54 28.42 -30.19
CA ASP D 79 -8.41 29.33 -30.15
C ASP D 79 -7.56 28.90 -28.96
N ILE D 80 -8.22 28.34 -27.96
CA ILE D 80 -7.57 27.88 -26.75
C ILE D 80 -8.06 26.49 -26.35
N LEU D 81 -7.13 25.57 -26.19
CA LEU D 81 -7.44 24.22 -25.78
C LEU D 81 -6.97 24.09 -24.37
N ILE D 82 -7.90 23.83 -23.47
CA ILE D 82 -7.61 23.67 -22.06
C ILE D 82 -7.64 22.18 -21.73
N ILE D 83 -6.52 21.63 -21.27
CA ILE D 83 -6.42 20.21 -20.90
C ILE D 83 -6.43 20.11 -19.39
N ASN D 84 -7.47 19.51 -18.80
CA ASN D 84 -7.51 19.39 -17.34
C ASN D 84 -7.14 18.02 -16.78
N SER D 85 -7.15 17.01 -17.66
CA SER D 85 -6.81 15.66 -17.26
C SER D 85 -6.23 14.92 -18.46
N VAL D 86 -5.54 13.80 -18.19
CA VAL D 86 -4.91 12.98 -19.24
C VAL D 86 -5.29 11.53 -18.94
N PRO D 87 -5.20 10.64 -19.94
CA PRO D 87 -5.57 9.24 -19.69
C PRO D 87 -4.92 8.64 -18.43
N ALA D 88 -5.60 7.69 -17.82
CA ALA D 88 -5.11 7.00 -16.62
C ALA D 88 -4.29 5.79 -17.03
N THR D 89 -3.36 5.35 -16.17
CA THR D 89 -2.52 4.17 -16.46
C THR D 89 -3.32 2.89 -16.37
N SER D 90 -4.38 2.79 -17.15
CA SER D 90 -5.24 1.62 -17.17
C SER D 90 -5.98 1.56 -18.50
N VAL D 91 -5.86 2.63 -19.28
CA VAL D 91 -6.50 2.70 -20.59
C VAL D 91 -5.68 1.80 -21.52
N GLN D 92 -6.29 1.37 -22.63
CA GLN D 92 -5.59 0.50 -23.58
C GLN D 92 -4.71 1.30 -24.55
N GLU D 93 -3.62 0.66 -25.02
CA GLU D 93 -2.66 1.27 -25.95
C GLU D 93 -3.29 2.23 -26.98
N ALA D 94 -4.38 1.80 -27.60
CA ALA D 94 -5.04 2.64 -28.58
C ALA D 94 -5.36 3.99 -27.95
N THR D 95 -6.14 3.98 -26.88
CA THR D 95 -6.52 5.21 -26.19
C THR D 95 -5.30 6.09 -26.01
N ILE D 96 -4.40 5.69 -25.11
CA ILE D 96 -3.21 6.47 -24.86
C ILE D 96 -2.42 6.80 -26.13
N ASN D 97 -2.30 5.83 -27.03
CA ASN D 97 -1.57 6.07 -28.26
C ASN D 97 -2.22 7.17 -29.08
N ASN D 98 -3.54 7.12 -29.21
CA ASN D 98 -4.23 8.15 -29.97
C ASN D 98 -4.24 9.48 -29.24
N TYR D 99 -4.09 9.44 -27.92
CA TYR D 99 -4.08 10.70 -27.20
C TYR D 99 -2.74 11.38 -27.45
N LYS D 100 -1.68 10.57 -27.51
CA LYS D 100 -0.36 11.12 -27.79
C LYS D 100 -0.39 11.66 -29.20
N LYS D 101 -1.22 11.04 -30.04
CA LYS D 101 -1.37 11.47 -31.42
C LYS D 101 -1.98 12.86 -31.47
N LEU D 102 -3.08 13.07 -30.76
CA LEU D 102 -3.73 14.37 -30.76
C LEU D 102 -2.75 15.48 -30.40
N LEU D 103 -1.92 15.23 -29.40
CA LEU D 103 -0.99 16.27 -28.98
C LEU D 103 -0.03 16.67 -30.08
N ASP D 104 0.14 15.83 -31.08
CA ASP D 104 1.06 16.15 -32.16
C ASP D 104 0.42 16.82 -33.36
N ASN D 105 -0.90 16.83 -33.42
CA ASN D 105 -1.54 17.43 -34.58
C ASN D 105 -2.38 18.67 -34.28
N ILE D 106 -2.11 19.29 -33.14
CA ILE D 106 -2.80 20.50 -32.74
C ILE D 106 -2.25 21.65 -33.58
N LYS D 107 -3.11 22.39 -34.27
CA LYS D 107 -2.62 23.53 -35.05
C LYS D 107 -1.67 24.31 -34.15
N PRO D 108 -0.49 24.67 -34.66
CA PRO D 108 0.43 25.43 -33.81
C PRO D 108 -0.14 26.78 -33.40
N SER D 109 -1.22 27.19 -34.08
CA SER D 109 -1.84 28.46 -33.73
C SER D 109 -2.51 28.29 -32.37
N ILE D 110 -3.39 27.29 -32.26
CA ILE D 110 -4.08 27.01 -31.01
C ILE D 110 -3.14 27.21 -29.81
N ARG D 111 -3.67 27.67 -28.70
CA ARG D 111 -2.86 27.86 -27.51
C ARG D 111 -3.22 26.82 -26.47
N VAL D 112 -2.36 25.82 -26.28
CA VAL D 112 -2.61 24.75 -25.30
C VAL D 112 -2.38 25.19 -23.84
N VAL D 113 -3.38 24.95 -23.00
CA VAL D 113 -3.30 25.31 -21.59
C VAL D 113 -3.49 24.11 -20.67
N VAL D 114 -2.40 23.66 -20.04
CA VAL D 114 -2.49 22.52 -19.14
C VAL D 114 -2.68 22.94 -17.69
N TYR D 115 -3.62 22.30 -17.03
CA TYR D 115 -3.92 22.57 -15.63
C TYR D 115 -3.63 21.26 -14.91
N GLN D 116 -2.59 21.24 -14.07
CA GLN D 116 -2.29 20.03 -13.31
C GLN D 116 -3.14 20.16 -12.06
N HIS D 117 -3.98 19.17 -11.78
CA HIS D 117 -4.87 19.24 -10.64
C HIS D 117 -4.53 18.45 -9.39
N ASP D 118 -3.72 17.41 -9.54
CA ASP D 118 -3.35 16.58 -8.40
C ASP D 118 -2.21 17.17 -7.61
N HIS D 119 -1.93 16.55 -6.47
CA HIS D 119 -0.86 17.03 -5.59
C HIS D 119 0.31 16.09 -5.51
N SER D 120 0.12 15.03 -4.74
CA SER D 120 1.12 13.99 -4.49
C SER D 120 1.62 13.30 -5.76
N VAL D 121 2.86 12.83 -5.72
CA VAL D 121 3.45 12.12 -6.85
C VAL D 121 2.75 10.78 -7.04
N LEU D 122 2.17 10.23 -5.97
CA LEU D 122 1.49 8.96 -6.13
C LEU D 122 0.36 9.16 -7.13
N SER D 123 -0.19 10.36 -7.16
CA SER D 123 -1.26 10.66 -8.11
C SER D 123 -0.71 10.98 -9.49
N LEU D 124 0.29 11.86 -9.54
CA LEU D 124 0.86 12.24 -10.82
C LEU D 124 1.43 11.08 -11.59
N ARG D 125 1.95 10.09 -10.87
CA ARG D 125 2.58 8.93 -11.48
C ARG D 125 1.57 7.90 -11.97
N ARG D 126 0.30 8.29 -11.96
CA ARG D 126 -0.76 7.41 -12.43
C ARG D 126 -1.32 7.95 -13.73
N ASN D 127 -0.65 8.98 -14.23
CA ASN D 127 -1.03 9.58 -15.49
C ASN D 127 -0.14 9.03 -16.61
N LEU D 128 -0.64 9.17 -17.84
CA LEU D 128 0.07 8.72 -19.02
C LEU D 128 -0.03 9.80 -20.06
N GLY D 129 1.12 10.27 -20.53
CA GLY D 129 1.09 11.31 -21.54
C GLY D 129 1.22 12.69 -20.93
N LEU D 130 1.29 12.76 -19.61
CA LEU D 130 1.40 14.05 -18.96
C LEU D 130 2.60 14.83 -19.45
N GLU D 131 3.65 14.13 -19.88
CA GLU D 131 4.85 14.81 -20.35
C GLU D 131 4.61 15.39 -21.73
N GLU D 132 4.01 14.61 -22.61
CA GLU D 132 3.72 15.09 -23.95
C GLU D 132 2.80 16.29 -23.81
N THR D 133 1.90 16.24 -22.84
CA THR D 133 0.98 17.33 -22.60
C THR D 133 1.72 18.57 -22.14
N VAL D 134 2.56 18.43 -21.12
CA VAL D 134 3.30 19.60 -20.61
C VAL D 134 4.23 20.22 -21.64
N ARG D 135 4.93 19.39 -22.41
CA ARG D 135 5.84 19.90 -23.42
C ARG D 135 5.12 20.74 -24.49
N ARG D 136 4.03 20.17 -25.03
CA ARG D 136 3.23 20.83 -26.05
C ARG D 136 2.51 22.07 -25.53
N ALA D 137 2.20 22.08 -24.23
CA ALA D 137 1.50 23.18 -23.57
C ALA D 137 2.16 24.55 -23.70
N ASP D 138 1.36 25.62 -23.61
CA ASP D 138 1.90 26.97 -23.70
C ASP D 138 1.84 27.63 -22.35
N VAL D 139 0.85 27.24 -21.55
CA VAL D 139 0.68 27.76 -20.19
C VAL D 139 0.40 26.60 -19.25
N ILE D 140 0.93 26.67 -18.04
CA ILE D 140 0.76 25.61 -17.07
C ILE D 140 0.41 26.12 -15.68
N PHE D 141 -0.59 25.51 -15.07
CA PHE D 141 -1.03 25.89 -13.73
C PHE D 141 -0.90 24.70 -12.82
N SER D 142 -0.71 24.96 -11.53
CA SER D 142 -0.62 23.92 -10.52
C SER D 142 -1.11 24.53 -9.25
N HIS D 143 -1.33 23.72 -8.24
CA HIS D 143 -1.85 24.25 -7.00
C HIS D 143 -0.80 24.85 -6.07
N SER D 144 0.41 24.31 -6.13
CA SER D 144 1.45 24.77 -5.23
C SER D 144 2.81 24.87 -5.88
N ASP D 145 3.54 25.91 -5.49
CA ASP D 145 4.86 26.15 -6.02
C ASP D 145 5.81 25.12 -5.45
N ASN D 146 5.43 24.51 -4.33
CA ASN D 146 6.24 23.49 -3.66
C ASN D 146 5.65 22.08 -3.79
N GLY D 147 4.67 21.92 -4.67
CA GLY D 147 4.07 20.61 -4.86
C GLY D 147 4.96 19.65 -5.62
N ASP D 148 4.60 18.38 -5.58
CA ASP D 148 5.38 17.37 -6.28
C ASP D 148 5.37 17.59 -7.79
N PHE D 149 4.63 18.58 -8.27
CA PHE D 149 4.61 18.83 -9.71
C PHE D 149 5.73 19.77 -10.10
N ASN D 150 5.76 20.95 -9.47
CA ASN D 150 6.79 21.92 -9.74
C ASN D 150 8.15 21.40 -9.30
N LYS D 151 8.16 20.77 -8.12
CA LYS D 151 9.39 20.26 -7.54
C LYS D 151 9.95 18.92 -8.01
N VAL D 152 9.10 17.92 -8.25
CA VAL D 152 9.62 16.63 -8.68
C VAL D 152 9.66 16.49 -10.20
N LEU D 153 8.49 16.24 -10.78
CA LEU D 153 8.35 16.03 -12.22
C LEU D 153 8.86 17.17 -13.09
N MET D 154 8.46 18.40 -12.78
CA MET D 154 8.88 19.52 -13.59
C MET D 154 10.39 19.66 -13.80
N LYS D 155 11.17 19.31 -12.78
CA LYS D 155 12.61 19.39 -12.90
C LYS D 155 13.15 18.10 -13.50
N GLU D 156 12.34 17.06 -13.45
CA GLU D 156 12.70 15.79 -14.01
C GLU D 156 12.72 15.93 -15.54
N TRP D 157 11.60 16.38 -16.09
CA TRP D 157 11.46 16.56 -17.52
C TRP D 157 12.38 17.61 -18.12
N TYR D 158 12.57 18.70 -17.37
CA TYR D 158 13.41 19.80 -17.82
C TYR D 158 14.57 20.04 -16.83
N PRO D 159 15.70 19.34 -17.01
CA PRO D 159 16.84 19.50 -16.11
C PRO D 159 17.39 20.93 -16.08
N GLU D 160 16.70 21.80 -15.35
CA GLU D 160 17.10 23.20 -15.25
C GLU D 160 16.00 23.98 -14.50
N ALA D 171 13.21 26.60 -18.42
CA ALA D 171 11.82 26.79 -18.85
C ALA D 171 11.04 25.53 -18.51
N PRO D 172 9.69 25.60 -18.45
CA PRO D 172 8.78 26.73 -18.68
C PRO D 172 8.10 27.18 -17.38
N THR D 173 7.46 28.35 -17.41
CA THR D 173 6.81 28.88 -16.21
C THR D 173 5.47 28.28 -15.82
N VAL D 174 5.44 27.70 -14.62
CA VAL D 174 4.22 27.10 -14.08
C VAL D 174 3.59 28.12 -13.15
N TYR D 175 2.57 28.81 -13.65
CA TYR D 175 1.86 29.81 -12.85
C TYR D 175 0.99 29.10 -11.82
N ASN D 176 0.43 29.86 -10.88
CA ASN D 176 -0.42 29.29 -9.84
C ASN D 176 -1.90 29.59 -10.09
N PHE D 177 -2.79 28.77 -9.54
CA PHE D 177 -4.24 28.97 -9.71
C PHE D 177 -5.05 28.39 -8.55
N GLN D 178 -6.31 28.77 -8.47
CA GLN D 178 -7.22 28.25 -7.44
C GLN D 178 -8.48 27.77 -8.13
N PRO D 179 -9.01 26.59 -7.76
CA PRO D 179 -10.23 26.13 -8.43
C PRO D 179 -11.42 27.02 -8.01
N PRO D 180 -11.80 28.00 -8.85
CA PRO D 180 -12.90 28.93 -8.60
C PRO D 180 -14.26 28.33 -8.73
N MET D 181 -15.25 28.99 -8.13
CA MET D 181 -16.64 28.57 -8.19
C MET D 181 -17.53 29.81 -8.18
N ASP D 182 -18.63 29.79 -8.93
CA ASP D 182 -19.50 30.97 -8.91
C ASP D 182 -20.29 30.88 -7.61
N ILE D 183 -19.63 31.27 -6.54
CA ILE D 183 -20.19 31.26 -5.19
C ILE D 183 -21.49 32.05 -5.17
N VAL D 184 -21.48 33.22 -5.79
CA VAL D 184 -22.67 34.05 -5.78
C VAL D 184 -23.91 33.31 -6.27
N LYS D 185 -23.73 32.47 -7.28
CA LYS D 185 -24.82 31.69 -7.85
C LYS D 185 -25.31 30.58 -6.94
N VAL D 186 -24.40 29.81 -6.34
CA VAL D 186 -24.85 28.74 -5.46
C VAL D 186 -25.64 29.30 -4.28
N ARG D 187 -25.32 30.51 -3.87
CA ARG D 187 -26.05 31.13 -2.76
C ARG D 187 -27.45 31.52 -3.17
N SER D 188 -27.53 32.30 -4.24
CA SER D 188 -28.82 32.75 -4.74
C SER D 188 -29.65 31.58 -5.27
N THR D 189 -29.30 30.37 -4.85
CA THR D 189 -30.01 29.18 -5.30
C THR D 189 -30.29 28.22 -4.16
N TYR D 190 -29.47 28.26 -3.12
CA TYR D 190 -29.66 27.38 -1.98
C TYR D 190 -29.71 28.06 -0.63
N TRP D 191 -29.46 29.35 -0.57
CA TRP D 191 -29.45 30.00 0.73
C TRP D 191 -30.81 29.93 1.41
N LYS D 192 -30.78 29.76 2.73
CA LYS D 192 -31.99 29.63 3.55
C LYS D 192 -32.04 30.65 4.70
N ASP D 193 -33.19 30.72 5.36
CA ASP D 193 -33.43 31.61 6.50
C ASP D 193 -33.06 30.76 7.72
N VAL D 194 -32.23 31.29 8.61
CA VAL D 194 -31.79 30.56 9.81
C VAL D 194 -32.94 29.87 10.53
N SER D 195 -34.14 30.40 10.38
CA SER D 195 -35.31 29.83 11.01
C SER D 195 -35.55 28.39 10.53
N GLU D 196 -34.93 28.03 9.40
CA GLU D 196 -35.09 26.70 8.81
C GLU D 196 -33.82 25.85 8.82
N ILE D 197 -32.99 25.95 9.84
CA ILE D 197 -31.78 25.15 9.84
C ILE D 197 -31.58 24.31 11.10
N ASN D 198 -31.87 23.01 11.00
CA ASN D 198 -31.70 22.11 12.13
C ASN D 198 -30.28 22.18 12.68
N MET D 199 -30.07 23.04 13.68
CA MET D 199 -28.76 23.23 14.28
C MET D 199 -28.18 21.94 14.86
N ASN D 200 -28.96 20.88 14.81
CA ASN D 200 -28.48 19.61 15.37
C ASN D 200 -27.88 18.68 14.35
N ILE D 201 -27.97 19.05 13.07
CA ILE D 201 -27.41 18.19 12.05
C ILE D 201 -26.01 18.58 11.65
N ASN D 202 -25.07 17.69 11.96
CA ASN D 202 -23.66 17.88 11.62
C ASN D 202 -23.40 17.07 10.37
N ARG D 203 -23.10 17.77 9.27
CA ARG D 203 -22.90 17.12 7.98
C ARG D 203 -21.49 17.25 7.40
N TRP D 204 -20.84 16.12 7.19
CA TRP D 204 -19.49 16.08 6.63
C TRP D 204 -19.59 15.57 5.19
N ILE D 205 -18.79 16.13 4.29
CA ILE D 205 -18.81 15.71 2.90
C ILE D 205 -17.38 15.52 2.38
N GLY D 206 -17.17 14.48 1.58
CA GLY D 206 -15.86 14.17 1.02
C GLY D 206 -15.83 12.77 0.44
N ARG D 207 -14.71 12.07 0.57
CA ARG D 207 -14.67 10.70 0.06
C ARG D 207 -13.79 9.76 0.86
N THR D 208 -14.04 8.46 0.71
CA THR D 208 -13.33 7.44 1.46
C THR D 208 -11.84 7.41 1.19
N THR D 209 -11.20 8.54 1.47
CA THR D 209 -9.76 8.69 1.31
C THR D 209 -9.29 9.21 2.64
N THR D 210 -8.35 8.50 3.24
CA THR D 210 -7.82 8.88 4.54
C THR D 210 -7.61 10.38 4.75
N TRP D 211 -7.05 11.10 3.77
CA TRP D 211 -6.79 12.53 3.97
C TRP D 211 -7.97 13.51 3.90
N LYS D 212 -9.16 13.04 3.59
CA LYS D 212 -10.30 13.93 3.54
C LYS D 212 -10.74 14.09 5.00
N GLY D 213 -10.22 13.20 5.85
CA GLY D 213 -10.50 13.26 7.27
C GLY D 213 -11.81 12.71 7.77
N PHE D 214 -12.18 11.51 7.31
CA PHE D 214 -13.42 10.94 7.77
C PHE D 214 -13.24 10.25 9.11
N TYR D 215 -12.02 9.81 9.39
CA TYR D 215 -11.75 9.16 10.66
C TYR D 215 -12.03 10.12 11.81
N GLN D 216 -11.49 11.33 11.70
CA GLN D 216 -11.68 12.36 12.71
C GLN D 216 -13.15 12.72 12.91
N MET D 217 -13.93 12.65 11.84
CA MET D 217 -15.33 12.97 11.97
C MET D 217 -15.93 11.93 12.89
N PHE D 218 -15.60 10.67 12.64
CA PHE D 218 -16.11 9.59 13.48
C PHE D 218 -15.74 9.88 14.93
N ASP D 219 -14.47 10.21 15.17
CA ASP D 219 -13.96 10.54 16.50
C ASP D 219 -14.83 11.62 17.13
N PHE D 220 -14.83 12.78 16.51
CA PHE D 220 -15.60 13.93 16.95
C PHE D 220 -17.09 13.65 17.20
N HIS D 221 -17.60 12.52 16.73
CA HIS D 221 -19.03 12.19 16.91
C HIS D 221 -19.25 11.30 18.12
N GLU D 222 -18.39 10.30 18.25
CA GLU D 222 -18.47 9.37 19.35
C GLU D 222 -18.04 10.02 20.65
N LYS D 223 -17.34 11.14 20.55
CA LYS D 223 -16.84 11.87 21.73
C LYS D 223 -17.58 13.17 22.09
N PHE D 224 -18.07 13.91 21.10
CA PHE D 224 -18.78 15.16 21.40
C PHE D 224 -20.18 15.29 20.82
N LEU D 225 -20.30 15.04 19.52
CA LEU D 225 -21.57 15.18 18.85
C LEU D 225 -22.71 14.29 19.30
N LYS D 226 -22.48 12.97 19.27
CA LYS D 226 -23.53 12.04 19.67
C LYS D 226 -23.87 12.22 21.14
N PRO D 227 -22.85 12.29 22.02
CA PRO D 227 -23.14 12.46 23.45
C PRO D 227 -23.88 13.74 23.79
N ALA D 228 -24.23 14.53 22.77
CA ALA D 228 -24.95 15.78 23.00
C ALA D 228 -26.31 15.82 22.29
N GLY D 229 -26.74 14.66 21.81
CA GLY D 229 -28.03 14.56 21.14
C GLY D 229 -28.00 15.09 19.72
N LYS D 230 -26.80 15.33 19.21
CA LYS D 230 -26.63 15.85 17.87
C LYS D 230 -26.62 14.71 16.86
N SER D 231 -26.87 15.01 15.59
CA SER D 231 -26.87 13.97 14.56
C SER D 231 -25.76 14.22 13.53
N THR D 232 -25.11 13.14 13.10
CA THR D 232 -24.01 13.25 12.14
C THR D 232 -24.25 12.49 10.84
N VAL D 233 -24.14 13.19 9.72
CA VAL D 233 -24.32 12.60 8.39
C VAL D 233 -23.01 12.76 7.61
N MET D 234 -22.41 11.65 7.18
CA MET D 234 -21.17 11.71 6.41
C MET D 234 -21.40 11.37 4.94
N GLU D 235 -21.40 12.39 4.09
CA GLU D 235 -21.67 12.22 2.66
C GLU D 235 -20.50 12.04 1.68
N GLY D 236 -20.64 11.08 0.77
CA GLY D 236 -19.60 10.90 -0.23
C GLY D 236 -18.59 9.79 -0.04
N LEU D 237 -18.83 8.90 0.93
CA LEU D 237 -17.90 7.81 1.13
C LEU D 237 -18.19 6.63 0.22
N GLU D 238 -17.57 6.60 -0.96
CA GLU D 238 -17.80 5.52 -1.89
C GLU D 238 -17.39 4.23 -1.19
N ARG D 239 -17.95 3.11 -1.63
CA ARG D 239 -17.64 1.81 -1.07
C ARG D 239 -16.17 1.53 -1.36
N SER D 240 -15.43 0.99 -0.40
CA SER D 240 -14.01 0.70 -0.61
C SER D 240 -13.41 -0.17 0.48
N PRO D 241 -12.30 -0.87 0.16
CA PRO D 241 -11.68 -1.72 1.16
C PRO D 241 -11.29 -0.94 2.41
N ALA D 242 -11.17 0.37 2.25
CA ALA D 242 -10.81 1.25 3.34
C ALA D 242 -11.77 1.03 4.50
N PHE D 243 -12.91 0.42 4.20
CA PHE D 243 -13.88 0.13 5.25
C PHE D 243 -13.35 -1.05 6.05
N ILE D 244 -12.88 -2.08 5.36
CA ILE D 244 -12.31 -3.23 6.04
C ILE D 244 -11.69 -2.66 7.32
N ALA D 245 -10.82 -1.67 7.15
CA ALA D 245 -10.18 -1.02 8.28
C ALA D 245 -11.27 -0.48 9.22
N ILE D 246 -12.01 0.52 8.76
CA ILE D 246 -13.09 1.13 9.51
C ILE D 246 -13.89 0.14 10.33
N LYS D 247 -14.40 -0.90 9.67
CA LYS D 247 -15.21 -1.93 10.30
C LYS D 247 -14.59 -2.52 11.55
N GLU D 248 -13.73 -3.53 11.36
CA GLU D 248 -13.11 -4.16 12.51
C GLU D 248 -11.98 -3.31 13.11
N LYS D 249 -12.15 -2.00 12.99
CA LYS D 249 -11.23 -1.02 13.55
C LYS D 249 -12.01 -0.68 14.81
N GLY D 250 -13.28 -1.11 14.79
CA GLY D 250 -14.20 -0.85 15.88
C GLY D 250 -14.87 0.50 15.67
N ILE D 251 -15.78 0.57 14.70
CA ILE D 251 -16.50 1.82 14.39
C ILE D 251 -17.89 1.53 13.83
N PRO D 252 -18.93 2.03 14.51
CA PRO D 252 -20.34 1.87 14.12
C PRO D 252 -20.79 2.97 13.17
N TYR D 253 -21.65 2.60 12.22
CA TYR D 253 -22.14 3.53 11.21
C TYR D 253 -23.25 2.87 10.43
N GLU D 254 -24.04 3.67 9.72
CA GLU D 254 -25.10 3.10 8.90
C GLU D 254 -25.03 3.63 7.48
N TYR D 255 -24.85 2.70 6.54
CA TYR D 255 -24.68 3.02 5.12
C TYR D 255 -25.96 3.16 4.32
N TYR D 256 -26.00 4.15 3.44
CA TYR D 256 -27.18 4.35 2.63
C TYR D 256 -26.84 4.58 1.18
N GLY D 257 -27.57 3.89 0.30
CA GLY D 257 -27.37 4.06 -1.11
C GLY D 257 -28.07 5.37 -1.40
N ASN D 258 -27.73 6.04 -2.48
CA ASN D 258 -28.40 7.29 -2.75
C ASN D 258 -29.88 7.09 -2.98
N ARG D 259 -30.31 5.83 -2.95
CA ARG D 259 -31.71 5.50 -3.12
C ARG D 259 -32.43 5.42 -1.77
N GLU D 260 -31.65 5.16 -0.73
CA GLU D 260 -32.17 5.04 0.63
C GLU D 260 -31.96 6.32 1.44
N ILE D 261 -31.71 7.44 0.77
CA ILE D 261 -31.47 8.66 1.52
C ILE D 261 -32.59 9.05 2.47
N ASP D 262 -33.81 8.60 2.18
CA ASP D 262 -34.94 8.92 3.03
C ASP D 262 -35.10 7.97 4.20
N LYS D 263 -34.19 7.01 4.32
CA LYS D 263 -34.27 6.05 5.41
C LYS D 263 -33.17 6.25 6.44
N MET D 264 -32.51 7.40 6.37
CA MET D 264 -31.44 7.70 7.33
C MET D 264 -32.08 8.07 8.67
N ASN D 265 -31.40 7.75 9.76
CA ASN D 265 -31.93 8.09 11.08
C ASN D 265 -31.30 9.39 11.57
N LEU D 266 -31.93 10.50 11.21
CA LEU D 266 -31.44 11.82 11.61
C LEU D 266 -31.93 12.18 13.01
N ALA D 267 -31.94 11.19 13.90
CA ALA D 267 -32.38 11.40 15.28
C ALA D 267 -31.22 11.14 16.24
N PRO D 268 -31.36 11.59 17.49
CA PRO D 268 -30.37 11.46 18.56
C PRO D 268 -29.94 10.03 18.89
N ASN D 269 -28.80 9.93 19.57
CA ASN D 269 -28.23 8.65 19.97
C ASN D 269 -28.23 7.66 18.84
N GLN D 270 -27.76 8.13 17.67
CA GLN D 270 -27.65 7.29 16.48
C GLN D 270 -26.23 7.48 16.00
N PRO D 271 -25.56 6.40 15.56
CA PRO D 271 -24.18 6.51 15.06
C PRO D 271 -24.11 7.30 13.74
N ALA D 272 -22.94 7.31 13.12
CA ALA D 272 -22.76 8.04 11.86
C ALA D 272 -23.60 7.52 10.67
N GLN D 273 -24.48 8.37 10.15
CA GLN D 273 -25.28 8.00 9.00
C GLN D 273 -24.46 8.33 7.76
N ILE D 274 -24.06 7.29 7.03
CA ILE D 274 -23.24 7.44 5.83
C ILE D 274 -24.09 7.56 4.53
N LEU D 275 -23.45 7.94 3.44
CA LEU D 275 -24.09 8.08 2.15
C LEU D 275 -22.93 7.99 1.15
N ASP D 276 -22.89 6.89 0.39
CA ASP D 276 -21.78 6.65 -0.54
C ASP D 276 -21.54 7.65 -1.66
N CYS D 277 -22.58 8.13 -2.33
CA CYS D 277 -22.34 9.11 -3.40
C CYS D 277 -23.48 10.09 -3.50
N TYR D 278 -23.22 11.25 -4.04
CA TYR D 278 -24.29 12.23 -4.10
C TYR D 278 -24.26 13.19 -5.28
N ILE D 279 -25.36 13.91 -5.43
CA ILE D 279 -25.52 14.87 -6.50
C ILE D 279 -25.18 16.22 -5.89
N ASN D 280 -24.24 16.96 -6.50
CA ASN D 280 -23.85 18.26 -5.94
C ASN D 280 -25.05 18.99 -5.43
N SER D 281 -25.99 19.26 -6.34
CA SER D 281 -27.22 19.98 -6.02
C SER D 281 -28.02 19.37 -4.88
N GLU D 282 -28.27 18.07 -4.92
CA GLU D 282 -29.03 17.47 -3.85
C GLU D 282 -28.37 17.75 -2.50
N MET D 283 -27.04 17.61 -2.47
CA MET D 283 -26.26 17.83 -1.25
C MET D 283 -26.39 19.29 -0.83
N LEU D 284 -26.00 20.21 -1.69
CA LEU D 284 -26.12 21.61 -1.35
C LEU D 284 -27.47 21.90 -0.67
N GLU D 285 -28.54 21.32 -1.18
CA GLU D 285 -29.86 21.52 -0.62
C GLU D 285 -29.82 20.98 0.79
N ARG D 286 -29.51 19.70 0.94
CA ARG D 286 -29.45 19.08 2.25
C ARG D 286 -28.57 19.90 3.20
N MET D 287 -27.42 20.34 2.68
CA MET D 287 -26.46 21.11 3.44
C MET D 287 -27.05 22.43 3.90
N SER D 288 -27.66 23.17 2.97
CA SER D 288 -28.27 24.45 3.28
C SER D 288 -29.22 24.46 4.49
N LYS D 289 -29.79 23.31 4.82
CA LYS D 289 -30.68 23.26 5.95
C LYS D 289 -29.95 22.57 7.10
N SER D 290 -28.64 22.47 6.96
CA SER D 290 -27.82 21.84 7.97
C SER D 290 -27.17 22.86 8.88
N GLY D 291 -26.94 22.48 10.12
CA GLY D 291 -26.33 23.39 11.06
C GLY D 291 -24.84 23.55 10.89
N PHE D 292 -24.13 22.45 10.65
CA PHE D 292 -22.68 22.54 10.52
C PHE D 292 -22.02 21.55 9.57
N GLY D 293 -21.48 22.08 8.47
CA GLY D 293 -20.80 21.23 7.52
C GLY D 293 -19.33 21.10 7.87
N TYR D 294 -18.79 19.91 7.70
CA TYR D 294 -17.40 19.69 8.01
C TYR D 294 -16.64 19.18 6.79
N GLN D 295 -15.54 19.84 6.46
CA GLN D 295 -14.71 19.42 5.35
C GLN D 295 -13.35 19.44 6.02
N LEU D 296 -12.84 18.25 6.35
CA LEU D 296 -11.58 18.15 7.08
C LEU D 296 -10.34 17.63 6.38
N SER D 297 -10.12 18.02 5.13
CA SER D 297 -8.93 17.58 4.43
C SER D 297 -7.76 18.11 5.20
N LYS D 298 -6.84 17.22 5.54
CA LYS D 298 -5.63 17.57 6.28
C LYS D 298 -4.47 17.44 5.31
N LEU D 299 -4.50 18.24 4.26
CA LEU D 299 -3.46 18.22 3.25
C LEU D 299 -2.10 18.63 3.73
N ASN D 300 -1.09 17.99 3.18
CA ASN D 300 0.31 18.25 3.47
C ASN D 300 0.62 19.71 3.07
N GLN D 301 1.38 20.42 3.88
CA GLN D 301 1.69 21.82 3.57
C GLN D 301 2.44 22.09 2.27
N LYS D 302 3.24 21.13 1.82
CA LYS D 302 3.99 21.28 0.57
C LYS D 302 3.01 21.52 -0.57
N TYR D 303 1.82 20.95 -0.43
CA TYR D 303 0.77 21.04 -1.45
C TYR D 303 -0.24 22.20 -1.33
N LEU D 304 -0.18 22.97 -0.26
CA LEU D 304 -1.12 24.07 -0.09
C LEU D 304 -0.51 25.44 -0.33
N GLN D 305 -1.32 26.36 -0.85
CA GLN D 305 -0.86 27.71 -1.13
C GLN D 305 -2.04 28.68 -1.13
N ARG D 306 -2.93 28.55 -2.10
CA ARG D 306 -4.12 29.41 -2.15
C ARG D 306 -5.36 28.57 -2.41
N SER D 307 -5.17 27.31 -2.76
CA SER D 307 -6.30 26.47 -3.12
C SER D 307 -7.14 25.74 -2.09
N LEU D 308 -8.40 26.15 -1.99
CA LEU D 308 -9.38 25.48 -1.14
C LEU D 308 -10.05 24.49 -2.11
N GLU D 309 -10.61 23.40 -1.60
CA GLU D 309 -11.27 22.43 -2.47
C GLU D 309 -12.72 22.83 -2.73
N TYR D 310 -13.36 22.30 -3.77
CA TYR D 310 -14.75 22.71 -4.01
C TYR D 310 -15.70 22.49 -2.84
N THR D 311 -15.54 21.41 -2.10
CA THR D 311 -16.42 21.17 -0.95
C THR D 311 -16.18 22.18 0.21
N HIS D 312 -15.11 22.97 0.13
CA HIS D 312 -14.84 23.99 1.14
C HIS D 312 -15.77 25.11 0.71
N LEU D 313 -15.70 25.44 -0.58
CA LEU D 313 -16.49 26.50 -1.17
C LEU D 313 -17.99 26.30 -1.07
N GLU D 314 -18.45 25.08 -1.19
CA GLU D 314 -19.87 24.82 -1.17
C GLU D 314 -20.52 25.03 0.19
N LEU D 315 -19.78 24.71 1.25
CA LEU D 315 -20.26 24.90 2.61
C LEU D 315 -20.63 26.38 2.84
N GLY D 316 -19.61 27.25 2.81
CA GLY D 316 -19.87 28.65 3.02
C GLY D 316 -20.86 29.19 2.00
N ALA D 317 -20.92 28.52 0.86
CA ALA D 317 -21.79 28.95 -0.21
C ALA D 317 -23.28 28.79 0.05
N CYS D 318 -23.68 27.75 0.78
CA CYS D 318 -25.10 27.55 1.00
C CYS D 318 -25.68 27.88 2.39
N GLY D 319 -24.91 28.61 3.20
CA GLY D 319 -25.41 29.00 4.50
C GLY D 319 -25.40 27.98 5.61
N THR D 320 -24.21 27.53 5.96
CA THR D 320 -24.01 26.57 7.04
C THR D 320 -22.71 27.04 7.62
N ILE D 321 -22.46 26.74 8.89
CA ILE D 321 -21.20 27.17 9.46
C ILE D 321 -20.10 26.24 9.02
N PRO D 322 -19.15 26.76 8.24
CA PRO D 322 -18.04 25.95 7.76
C PRO D 322 -17.20 25.46 8.92
N VAL D 323 -16.73 24.22 8.84
CA VAL D 323 -15.88 23.70 9.88
C VAL D 323 -14.72 22.99 9.19
N PHE D 324 -13.70 23.75 8.83
CA PHE D 324 -12.54 23.18 8.16
C PHE D 324 -11.46 22.78 9.13
N TRP D 325 -10.42 22.13 8.61
CA TRP D 325 -9.28 21.65 9.38
C TRP D 325 -8.36 22.82 9.74
N LYS D 326 -8.08 22.98 11.03
CA LYS D 326 -7.22 24.07 11.50
C LYS D 326 -5.90 24.13 10.73
N SER D 327 -5.19 23.02 10.67
CA SER D 327 -3.93 22.97 9.96
C SER D 327 -4.04 23.65 8.59
N THR D 328 -4.93 23.12 7.74
CA THR D 328 -5.14 23.65 6.40
C THR D 328 -5.33 25.16 6.39
N GLY D 329 -6.16 25.67 7.29
CA GLY D 329 -6.34 27.12 7.32
C GLY D 329 -5.06 27.87 7.64
N GLU D 330 -4.17 27.23 8.40
CA GLU D 330 -2.89 27.81 8.80
C GLU D 330 -1.92 27.81 7.62
N ASN D 331 -1.99 26.75 6.81
CA ASN D 331 -1.13 26.59 5.64
C ASN D 331 -1.61 27.23 4.34
N LEU D 332 -2.78 27.85 4.36
CA LEU D 332 -3.28 28.51 3.16
C LEU D 332 -3.27 30.02 3.31
N LYS D 333 -2.91 30.71 2.23
CA LYS D 333 -2.84 32.16 2.27
C LYS D 333 -4.00 32.79 1.51
N PHE D 334 -4.65 33.73 2.18
CA PHE D 334 -5.77 34.46 1.65
C PHE D 334 -5.43 35.00 0.27
N ARG D 335 -6.45 35.17 -0.56
CA ARG D 335 -6.28 35.64 -1.94
C ARG D 335 -5.90 37.10 -2.09
N VAL D 336 -6.25 37.92 -1.10
CA VAL D 336 -5.95 39.34 -1.17
C VAL D 336 -4.63 39.79 -0.54
N ASP D 337 -4.62 39.91 0.79
CA ASP D 337 -3.41 40.34 1.52
C ASP D 337 -2.33 39.28 1.61
N ASN D 338 -2.67 38.06 1.21
CA ASN D 338 -1.75 36.92 1.23
C ASN D 338 -1.41 36.52 2.66
N THR D 339 -2.38 36.70 3.56
CA THR D 339 -2.19 36.34 4.96
C THR D 339 -2.81 34.97 5.24
N PRO D 340 -2.44 34.34 6.37
CA PRO D 340 -3.01 33.04 6.70
C PRO D 340 -4.53 33.11 6.70
N LEU D 341 -5.17 31.98 6.51
CA LEU D 341 -6.63 31.96 6.51
C LEU D 341 -7.09 32.02 7.96
N THR D 342 -6.55 31.11 8.78
CA THR D 342 -6.90 31.05 10.20
C THR D 342 -6.82 32.40 10.90
N SER D 343 -6.00 33.29 10.35
CA SER D 343 -5.82 34.63 10.91
C SER D 343 -6.78 35.62 10.28
N HIS D 344 -8.07 35.34 10.41
CA HIS D 344 -9.14 36.19 9.89
C HIS D 344 -10.41 35.92 10.69
N ASP D 345 -11.29 36.91 10.74
CA ASP D 345 -12.57 36.74 11.43
C ASP D 345 -13.54 36.39 10.31
N SER D 346 -13.44 35.15 9.86
CA SER D 346 -14.25 34.63 8.78
C SER D 346 -15.57 34.03 9.22
N GLY D 347 -15.53 33.25 10.30
CA GLY D 347 -16.73 32.60 10.80
C GLY D 347 -16.38 31.13 10.85
N ILE D 348 -15.46 30.78 9.96
CA ILE D 348 -14.96 29.44 9.84
C ILE D 348 -14.60 28.86 11.20
N ILE D 349 -15.30 27.81 11.61
CA ILE D 349 -14.96 27.17 12.87
C ILE D 349 -13.82 26.26 12.51
N TRP D 350 -12.63 26.65 12.95
CA TRP D 350 -11.43 25.88 12.72
C TRP D 350 -11.44 24.67 13.63
N PHE D 351 -11.61 23.50 13.01
CA PHE D 351 -11.66 22.24 13.72
C PHE D 351 -10.28 21.92 14.28
N ASP D 352 -10.21 21.85 15.61
CA ASP D 352 -8.96 21.56 16.29
C ASP D 352 -8.85 20.09 16.65
N GLU D 353 -8.10 19.36 15.85
CA GLU D 353 -7.91 17.93 16.06
C GLU D 353 -7.57 17.60 17.51
N ASN D 354 -6.78 18.46 18.14
CA ASN D 354 -6.35 18.27 19.52
C ASN D 354 -7.39 18.82 20.48
N ASP D 355 -7.52 20.13 20.51
CA ASP D 355 -8.50 20.75 21.40
C ASP D 355 -9.90 20.70 20.81
N MET D 356 -10.35 19.49 20.48
CA MET D 356 -11.68 19.29 19.91
C MET D 356 -12.77 19.94 20.75
N GLU D 357 -12.69 19.69 22.05
CA GLU D 357 -13.65 20.22 23.01
C GLU D 357 -13.88 21.70 22.72
N SER D 358 -12.79 22.38 22.43
CA SER D 358 -12.84 23.79 22.11
C SER D 358 -13.66 24.00 20.85
N THR D 359 -13.50 23.08 19.89
CA THR D 359 -14.23 23.20 18.65
C THR D 359 -15.71 22.98 18.91
N PHE D 360 -16.01 22.07 19.82
CA PHE D 360 -17.40 21.76 20.16
C PHE D 360 -18.07 22.91 20.89
N GLU D 361 -17.30 23.65 21.69
CA GLU D 361 -17.84 24.79 22.42
C GLU D 361 -18.36 25.86 21.48
N ARG D 362 -17.60 26.14 20.42
CA ARG D 362 -18.00 27.15 19.46
C ARG D 362 -19.24 26.69 18.69
N ILE D 363 -19.42 25.38 18.56
CA ILE D 363 -20.58 24.89 17.86
C ILE D 363 -21.81 25.13 18.73
N LYS D 364 -21.70 24.83 20.03
CA LYS D 364 -22.83 25.03 20.94
C LYS D 364 -23.14 26.52 21.11
N GLU D 365 -22.11 27.35 21.09
CA GLU D 365 -22.30 28.78 21.24
C GLU D 365 -23.14 29.36 20.12
N LEU D 366 -23.15 28.71 18.96
CA LEU D 366 -23.93 29.21 17.82
C LEU D 366 -25.23 28.42 17.63
N SER D 367 -25.29 27.23 18.22
CA SER D 367 -26.47 26.38 18.09
C SER D 367 -27.66 26.97 18.85
N SER D 368 -27.36 27.89 19.76
CA SER D 368 -28.39 28.52 20.59
C SER D 368 -28.63 30.01 20.30
N ASP D 369 -27.68 30.64 19.63
CA ASP D 369 -27.78 32.06 19.32
C ASP D 369 -27.98 32.35 17.82
N ARG D 370 -29.17 32.07 17.31
CA ARG D 370 -29.52 32.27 15.91
C ARG D 370 -28.93 33.53 15.27
N ALA D 371 -28.92 34.63 16.02
CA ALA D 371 -28.40 35.90 15.51
C ALA D 371 -26.91 35.82 15.25
N LEU D 372 -26.19 35.29 16.24
CA LEU D 372 -24.75 35.12 16.14
C LEU D 372 -24.49 34.31 14.87
N TYR D 373 -25.22 33.19 14.75
CA TYR D 373 -25.13 32.29 13.60
C TYR D 373 -25.02 33.12 12.33
N ASP D 374 -26.15 33.69 11.90
CA ASP D 374 -26.19 34.50 10.69
C ASP D 374 -25.00 35.40 10.56
N ARG D 375 -24.56 35.98 11.67
CA ARG D 375 -23.40 36.85 11.64
C ARG D 375 -22.17 36.05 11.27
N GLU D 376 -22.01 34.87 11.88
CA GLU D 376 -20.85 34.05 11.60
C GLU D 376 -20.80 33.52 10.18
N ARG D 377 -21.94 33.06 9.67
CA ARG D 377 -22.00 32.53 8.31
C ARG D 377 -21.98 33.63 7.25
N GLU D 378 -22.41 34.83 7.61
CA GLU D 378 -22.36 35.94 6.66
C GLU D 378 -20.89 36.29 6.39
N LYS D 379 -20.10 36.39 7.45
CA LYS D 379 -18.68 36.70 7.33
C LYS D 379 -17.96 35.54 6.63
N ALA D 380 -18.41 34.31 6.91
CA ALA D 380 -17.80 33.14 6.29
C ALA D 380 -18.12 33.17 4.79
N TYR D 381 -19.38 33.42 4.45
CA TYR D 381 -19.76 33.48 3.07
C TYR D 381 -18.87 34.49 2.36
N GLU D 382 -18.77 35.69 2.95
CA GLU D 382 -17.98 36.77 2.38
C GLU D 382 -16.48 36.51 2.36
N PHE D 383 -15.95 35.87 3.39
CA PHE D 383 -14.53 35.58 3.41
C PHE D 383 -14.21 34.71 2.18
N LEU D 384 -14.79 33.51 2.14
CA LEU D 384 -14.59 32.58 1.03
C LEU D 384 -14.88 33.23 -0.33
N TYR D 385 -16.02 33.91 -0.43
CA TYR D 385 -16.39 34.59 -1.68
C TYR D 385 -15.25 35.50 -2.14
N GLN D 386 -14.63 36.15 -1.18
CA GLN D 386 -13.54 37.06 -1.50
C GLN D 386 -12.26 36.33 -1.81
N HIS D 387 -12.12 35.15 -1.25
CA HIS D 387 -10.90 34.40 -1.45
C HIS D 387 -10.84 33.59 -2.71
N GLN D 388 -11.95 32.98 -3.12
CA GLN D 388 -11.88 32.12 -4.29
C GLN D 388 -13.12 32.02 -5.16
N ASP D 389 -13.79 33.14 -5.39
CA ASP D 389 -14.98 33.15 -6.21
C ASP D 389 -14.54 33.23 -7.67
N SER D 390 -15.38 32.70 -8.56
CA SER D 390 -15.10 32.70 -10.00
C SER D 390 -14.92 34.09 -10.57
N SER D 391 -15.56 35.08 -9.95
CA SER D 391 -15.45 36.43 -10.46
C SER D 391 -14.01 36.91 -10.44
N PHE D 392 -13.21 36.42 -9.50
CA PHE D 392 -11.81 36.85 -9.42
C PHE D 392 -10.83 35.84 -10.04
N CYS D 393 -10.90 34.61 -9.55
CA CYS D 393 -9.99 33.58 -9.99
C CYS D 393 -9.88 33.31 -11.47
N PHE D 394 -10.99 33.31 -12.19
CA PHE D 394 -10.90 33.05 -13.62
C PHE D 394 -10.35 34.25 -14.36
N LYS D 395 -10.62 35.44 -13.83
CA LYS D 395 -10.12 36.66 -14.45
C LYS D 395 -8.63 36.68 -14.28
N GLU D 396 -8.16 36.23 -13.12
CA GLU D 396 -6.72 36.20 -12.85
C GLU D 396 -6.02 35.20 -13.78
N GLN D 397 -6.72 34.11 -14.09
CA GLN D 397 -6.15 33.07 -14.96
C GLN D 397 -6.18 33.47 -16.44
N PHE D 398 -7.35 33.88 -16.90
CA PHE D 398 -7.55 34.29 -18.27
C PHE D 398 -6.47 35.30 -18.67
N ASP D 399 -6.18 36.26 -17.79
CA ASP D 399 -5.14 37.27 -18.04
C ASP D 399 -3.76 36.64 -18.21
N ILE D 400 -3.52 35.54 -17.52
CA ILE D 400 -2.26 34.85 -17.66
C ILE D 400 -2.22 34.19 -19.04
N ILE D 401 -3.25 33.40 -19.34
CA ILE D 401 -3.36 32.70 -20.62
C ILE D 401 -3.22 33.61 -21.83
N THR D 402 -3.98 34.70 -21.85
CA THR D 402 -3.96 35.63 -22.98
C THR D 402 -2.82 36.62 -23.00
N LYS D 403 -2.10 36.73 -21.90
CA LYS D 403 -0.97 37.65 -21.83
C LYS D 403 -0.14 37.65 -23.12
#